data_2O70
#
_entry.id   2O70
#
_cell.length_a   101.815
_cell.length_b   101.815
_cell.length_c   103.915
_cell.angle_alpha   90.00
_cell.angle_beta   90.00
_cell.angle_gamma   120.00
#
_symmetry.space_group_name_H-M   'P 32'
#
loop_
_entity.id
_entity.type
_entity.pdbx_description
1 polymer 'OHCU decarboxylase'
2 water water
#
_entity_poly.entity_id   1
_entity_poly.type   'polypeptide(L)'
_entity_poly.pdbx_seq_one_letter_code
;MDINVVNALAYEDFVKLFGNVVEKCPLISAAIWSYRPFKDLADIEARISEFIHSLPDSGKEGILRCHPDLAGRDLQSGTL
TPESQEEQSQAGMTTLDSAEIVHMYRLNSEYKERFGFPFVICARLNNKADIVRQLSERLKNRRTAELECAIEEVKKICSL
RLHSIVLSDIQTKL
;
_entity_poly.pdbx_strand_id   A,B,C,D,E,F
#
# COMPACT_ATOMS: atom_id res chain seq x y z
N ASP A 2 -16.15 -20.56 49.59
CA ASP A 2 -16.43 -21.96 50.00
C ASP A 2 -15.81 -22.91 48.99
N ILE A 3 -14.81 -23.68 49.42
CA ILE A 3 -14.10 -24.58 48.52
C ILE A 3 -15.03 -25.65 47.92
N ASN A 4 -16.11 -25.95 48.63
CA ASN A 4 -17.11 -26.89 48.14
C ASN A 4 -17.86 -26.38 46.93
N VAL A 5 -18.13 -25.07 46.89
CA VAL A 5 -18.81 -24.48 45.72
C VAL A 5 -17.85 -24.50 44.54
N VAL A 6 -16.58 -24.16 44.81
CA VAL A 6 -15.56 -24.15 43.77
C VAL A 6 -15.43 -25.55 43.18
N ASN A 7 -15.31 -26.55 44.04
CA ASN A 7 -15.11 -27.93 43.61
C ASN A 7 -16.25 -28.49 42.76
N ALA A 8 -17.44 -27.90 42.90
CA ALA A 8 -18.62 -28.33 42.17
C ALA A 8 -18.84 -27.58 40.85
N LEU A 9 -18.01 -26.59 40.56
CA LEU A 9 -18.18 -25.83 39.33
C LEU A 9 -17.91 -26.71 38.09
N ALA A 10 -18.73 -26.53 37.06
CA ALA A 10 -18.48 -27.06 35.71
C ALA A 10 -17.22 -26.37 35.18
N TYR A 11 -16.50 -26.97 34.24
CA TYR A 11 -15.28 -26.32 33.77
C TYR A 11 -15.57 -24.97 33.12
N GLU A 12 -16.70 -24.83 32.44
CA GLU A 12 -17.01 -23.53 31.81
C GLU A 12 -17.10 -22.41 32.84
N ASP A 13 -17.77 -22.68 33.96
CA ASP A 13 -17.89 -21.71 35.04
C ASP A 13 -16.57 -21.52 35.81
N PHE A 14 -15.79 -22.60 35.94
CA PHE A 14 -14.48 -22.51 36.60
C PHE A 14 -13.57 -21.59 35.77
N VAL A 15 -13.55 -21.81 34.46
CA VAL A 15 -12.74 -20.98 33.56
C VAL A 15 -13.22 -19.51 33.51
N LYS A 16 -14.53 -19.29 33.57
CA LYS A 16 -15.05 -17.92 33.61
C LYS A 16 -14.58 -17.17 34.86
N LEU A 17 -14.64 -17.84 36.01
CA LEU A 17 -14.30 -17.22 37.29
C LEU A 17 -12.79 -17.05 37.48
N PHE A 18 -12.04 -18.10 37.17
CA PHE A 18 -10.60 -18.10 37.45
C PHE A 18 -9.72 -17.92 36.21
N GLY A 19 -10.34 -17.72 35.06
CA GLY A 19 -9.61 -17.66 33.78
C GLY A 19 -8.62 -16.51 33.62
N ASN A 20 -8.68 -15.53 34.51
CA ASN A 20 -7.71 -14.44 34.42
C ASN A 20 -6.83 -14.28 35.66
N VAL A 21 -6.71 -15.32 36.48
CA VAL A 21 -5.88 -15.21 37.67
C VAL A 21 -4.40 -15.13 37.24
N VAL A 22 -4.11 -15.68 36.07
CA VAL A 22 -2.83 -15.39 35.41
C VAL A 22 -3.19 -14.67 34.11
N GLU A 23 -2.67 -13.45 33.96
CA GLU A 23 -3.13 -12.51 32.94
C GLU A 23 -3.17 -13.10 31.52
N LYS A 24 -4.36 -13.09 30.91
CA LYS A 24 -4.61 -13.59 29.55
C LYS A 24 -4.14 -15.03 29.34
N CYS A 25 -4.10 -15.80 30.44
CA CYS A 25 -3.74 -17.21 30.37
C CYS A 25 -4.84 -18.11 30.96
N PRO A 26 -6.04 -18.10 30.34
CA PRO A 26 -7.10 -18.97 30.83
C PRO A 26 -6.72 -20.46 30.78
N LEU A 27 -5.77 -20.80 29.91
CA LEU A 27 -5.30 -22.18 29.78
C LEU A 27 -4.84 -22.74 31.12
N ILE A 28 -4.24 -21.89 31.94
CA ILE A 28 -3.72 -22.33 33.22
C ILE A 28 -4.84 -22.73 34.19
N SER A 29 -5.87 -21.90 34.29
CA SER A 29 -7.02 -22.22 35.12
C SER A 29 -7.77 -23.45 34.57
N ALA A 30 -7.93 -23.48 33.25
CA ALA A 30 -8.60 -24.58 32.59
C ALA A 30 -7.86 -25.91 32.87
N ALA A 31 -6.54 -25.90 32.84
CA ALA A 31 -5.75 -27.13 33.11
C ALA A 31 -5.96 -27.63 34.53
N ILE A 32 -5.85 -26.73 35.51
CA ILE A 32 -5.87 -27.17 36.92
C ILE A 32 -7.21 -27.78 37.34
N TRP A 33 -8.28 -27.45 36.61
CA TRP A 33 -9.61 -28.01 36.90
C TRP A 33 -9.59 -29.55 36.85
N SER A 34 -8.69 -30.11 36.04
CA SER A 34 -8.49 -31.56 35.99
C SER A 34 -8.11 -32.20 37.33
N TYR A 35 -7.52 -31.43 38.24
CA TYR A 35 -7.04 -31.96 39.51
C TYR A 35 -8.04 -31.83 40.67
N ARG A 36 -9.26 -31.40 40.36
CA ARG A 36 -10.29 -31.27 41.39
C ARG A 36 -10.63 -32.66 41.98
N PRO A 37 -11.07 -32.70 43.25
CA PRO A 37 -11.33 -31.58 44.16
C PRO A 37 -10.08 -30.96 44.77
N PHE A 38 -10.15 -29.66 45.01
CA PHE A 38 -9.06 -28.93 45.66
C PHE A 38 -9.31 -28.98 47.16
N LYS A 39 -8.27 -29.31 47.92
CA LYS A 39 -8.38 -29.35 49.37
C LYS A 39 -8.74 -27.97 49.93
N ASP A 40 -8.13 -26.94 49.35
CA ASP A 40 -8.34 -25.54 49.78
C ASP A 40 -7.74 -24.58 48.74
N LEU A 41 -7.76 -23.28 49.04
CA LEU A 41 -7.17 -22.27 48.17
C LEU A 41 -5.67 -22.55 47.92
N ALA A 42 -4.96 -22.98 48.96
CA ALA A 42 -3.53 -23.28 48.85
C ALA A 42 -3.24 -24.38 47.84
N ASP A 43 -4.19 -25.32 47.73
CA ASP A 43 -4.11 -26.42 46.78
C ASP A 43 -4.24 -25.84 45.36
N ILE A 44 -5.19 -24.92 45.16
CA ILE A 44 -5.32 -24.27 43.84
C ILE A 44 -4.01 -23.56 43.48
N GLU A 45 -3.48 -22.76 44.39
CA GLU A 45 -2.23 -22.05 44.15
C GLU A 45 -1.05 -22.98 43.86
N ALA A 46 -0.99 -24.07 44.61
CA ALA A 46 0.03 -25.07 44.43
C ALA A 46 -0.02 -25.70 43.05
N ARG A 47 -1.23 -25.96 42.57
CA ARG A 47 -1.44 -26.62 41.30
C ARG A 47 -1.05 -25.64 40.19
N ILE A 48 -1.41 -24.38 40.36
CA ILE A 48 -1.03 -23.33 39.39
C ILE A 48 0.52 -23.26 39.31
N SER A 49 1.16 -23.18 40.46
CA SER A 49 2.62 -23.12 40.51
C SER A 49 3.32 -24.32 39.87
N GLU A 50 2.82 -25.53 40.11
CA GLU A 50 3.39 -26.76 39.56
C GLU A 50 3.22 -26.80 38.05
N PHE A 51 2.08 -26.32 37.58
CA PHE A 51 1.83 -26.27 36.15
C PHE A 51 2.83 -25.35 35.46
N ILE A 52 3.01 -24.16 36.01
CA ILE A 52 3.90 -23.16 35.40
C ILE A 52 5.32 -23.72 35.42
N HIS A 53 5.70 -24.29 36.56
CA HIS A 53 7.05 -24.86 36.79
C HIS A 53 7.35 -25.99 35.79
N SER A 54 6.34 -26.73 35.40
CA SER A 54 6.48 -27.79 34.40
C SER A 54 6.68 -27.34 32.93
N LEU A 55 6.39 -26.08 32.62
CA LEU A 55 6.53 -25.57 31.25
C LEU A 55 7.99 -25.42 30.90
N PRO A 56 8.31 -25.47 29.58
CA PRO A 56 9.66 -25.11 29.18
C PRO A 56 9.88 -23.63 29.47
N ASP A 57 11.14 -23.21 29.52
CA ASP A 57 11.46 -21.80 29.73
C ASP A 57 10.69 -20.88 28.75
N SER A 58 10.52 -21.34 27.51
CA SER A 58 9.80 -20.55 26.51
C SER A 58 8.34 -20.33 26.94
N GLY A 59 7.76 -21.31 27.63
CA GLY A 59 6.39 -21.19 28.14
C GLY A 59 6.30 -20.16 29.24
N LYS A 60 7.32 -20.15 30.09
CA LYS A 60 7.42 -19.14 31.14
C LYS A 60 7.55 -17.73 30.54
N GLU A 61 8.40 -17.57 29.53
CA GLU A 61 8.53 -16.29 28.81
C GLU A 61 7.21 -15.91 28.13
N GLY A 62 6.55 -16.91 27.55
CA GLY A 62 5.25 -16.72 26.95
C GLY A 62 4.22 -16.11 27.90
N ILE A 63 4.15 -16.65 29.12
CA ILE A 63 3.26 -16.14 30.12
C ILE A 63 3.55 -14.65 30.34
N LEU A 64 4.82 -14.32 30.46
CA LEU A 64 5.22 -12.95 30.74
C LEU A 64 4.79 -12.03 29.58
N ARG A 65 4.95 -12.53 28.36
CA ARG A 65 4.62 -11.79 27.14
C ARG A 65 3.12 -11.57 26.96
N CYS A 66 2.32 -12.22 27.80
CA CYS A 66 0.89 -12.02 27.80
C CYS A 66 0.50 -10.84 28.67
N HIS A 67 1.46 -10.28 29.41
CA HIS A 67 1.18 -9.21 30.37
C HIS A 67 1.39 -7.87 29.65
N PRO A 68 0.56 -6.88 29.97
CA PRO A 68 0.72 -5.55 29.38
C PRO A 68 1.72 -4.73 30.17
N ASP A 69 2.29 -3.72 29.52
CA ASP A 69 3.24 -2.85 30.21
C ASP A 69 2.54 -1.97 31.24
N LEU A 70 3.22 -1.72 32.36
CA LEU A 70 2.77 -0.70 33.30
C LEU A 70 2.75 0.65 32.58
N ALA A 71 1.62 1.34 32.66
CA ALA A 71 1.42 2.66 32.07
C ALA A 71 1.55 2.66 30.55
N GLY A 72 1.40 1.51 29.93
CA GLY A 72 1.64 1.38 28.49
C GLY A 72 0.44 1.66 27.60
N ARG A 73 0.57 1.32 26.33
CA ARG A 73 -0.48 1.56 25.32
C ARG A 73 -1.87 1.10 25.77
N ASP A 74 -1.95 -0.11 26.30
CA ASP A 74 -3.25 -0.64 26.75
C ASP A 74 -3.84 0.19 27.90
N LEU A 75 -3.02 0.61 28.87
CA LEU A 75 -3.53 1.54 29.88
C LEU A 75 -4.07 2.83 29.24
N GLN A 76 -3.28 3.43 28.36
CA GLN A 76 -3.65 4.72 27.76
C GLN A 76 -4.90 4.60 26.87
N SER A 77 -5.06 3.45 26.24
CA SER A 77 -6.17 3.18 25.32
C SER A 77 -7.41 2.63 26.03
N GLY A 78 -7.30 2.34 27.32
CA GLY A 78 -8.42 1.85 28.12
C GLY A 78 -8.77 0.41 27.83
N THR A 79 -7.76 -0.36 27.42
CA THR A 79 -8.00 -1.74 26.99
C THR A 79 -7.33 -2.78 27.89
N LEU A 80 -7.14 -2.45 29.17
CA LEU A 80 -6.65 -3.45 30.14
C LEU A 80 -7.78 -4.39 30.54
N THR A 81 -7.41 -5.60 30.99
CA THR A 81 -8.37 -6.47 31.68
C THR A 81 -8.79 -5.77 32.97
N PRO A 82 -10.00 -6.09 33.48
CA PRO A 82 -10.47 -5.44 34.72
C PRO A 82 -9.47 -5.52 35.86
N GLU A 83 -8.86 -6.68 36.07
CA GLU A 83 -7.87 -6.84 37.13
C GLU A 83 -6.63 -5.97 36.91
N SER A 84 -6.10 -5.99 35.69
CA SER A 84 -4.96 -5.11 35.40
C SER A 84 -5.27 -3.63 35.59
N GLN A 85 -6.45 -3.19 35.17
CA GLN A 85 -6.84 -1.80 35.33
C GLN A 85 -6.86 -1.43 36.83
N GLU A 86 -7.43 -2.29 37.66
CA GLU A 86 -7.49 -2.03 39.10
C GLU A 86 -6.11 -2.02 39.72
N GLU A 87 -5.29 -2.99 39.33
CA GLU A 87 -3.93 -3.12 39.86
C GLU A 87 -3.05 -1.93 39.51
N GLN A 88 -3.06 -1.52 38.24
CA GLN A 88 -2.23 -0.39 37.80
C GLN A 88 -2.71 0.93 38.41
N SER A 89 -4.02 1.05 38.64
CA SER A 89 -4.55 2.24 39.32
C SER A 89 -4.06 2.32 40.77
N GLN A 90 -4.08 1.18 41.48
CA GLN A 90 -3.59 1.14 42.85
C GLN A 90 -2.11 1.55 42.95
N ALA A 91 -1.34 1.20 41.92
CA ALA A 91 0.09 1.47 41.88
C ALA A 91 0.42 2.87 41.33
N GLY A 92 -0.61 3.67 41.10
CA GLY A 92 -0.42 5.05 40.62
C GLY A 92 -0.12 5.24 39.14
N MET A 93 -0.46 4.23 38.32
CA MET A 93 -0.15 4.28 36.89
C MET A 93 -1.20 5.02 36.06
N THR A 94 -2.35 5.32 36.65
CA THR A 94 -3.43 5.96 35.90
C THR A 94 -3.46 7.47 36.13
N THR A 95 -2.63 7.95 37.05
CA THR A 95 -2.59 9.39 37.33
C THR A 95 -1.23 10.04 37.04
N LEU A 96 -0.48 9.44 36.11
CA LEU A 96 0.81 9.94 35.71
C LEU A 96 0.69 11.15 34.78
N ASP A 97 1.58 12.11 34.92
CA ASP A 97 1.65 13.23 33.96
C ASP A 97 2.44 12.82 32.72
N SER A 98 2.49 13.71 31.72
CA SER A 98 3.16 13.42 30.45
C SER A 98 4.62 12.99 30.62
N ALA A 99 5.35 13.68 31.49
CA ALA A 99 6.76 13.36 31.74
C ALA A 99 6.85 11.93 32.27
N GLU A 100 5.97 11.63 33.21
CA GLU A 100 5.99 10.33 33.85
C GLU A 100 5.63 9.21 32.90
N ILE A 101 4.63 9.45 32.06
CA ILE A 101 4.19 8.45 31.09
C ILE A 101 5.34 8.16 30.14
N VAL A 102 5.99 9.21 29.65
CA VAL A 102 7.16 9.02 28.78
C VAL A 102 8.32 8.31 29.47
N HIS A 103 8.59 8.68 30.72
CA HIS A 103 9.63 8.00 31.51
C HIS A 103 9.36 6.50 31.60
N MET A 104 8.13 6.13 31.94
CA MET A 104 7.76 4.70 32.03
C MET A 104 7.96 4.00 30.70
N TYR A 105 7.62 4.67 29.60
CA TYR A 105 7.78 4.09 28.27
C TYR A 105 9.25 3.76 28.03
N ARG A 106 10.12 4.71 28.37
CA ARG A 106 11.56 4.53 28.16
C ARG A 106 12.13 3.37 28.98
N LEU A 107 11.73 3.32 30.25
CA LEU A 107 12.18 2.26 31.16
C LEU A 107 11.72 0.87 30.67
N ASN A 108 10.46 0.78 30.29
CA ASN A 108 9.92 -0.47 29.75
C ASN A 108 10.61 -0.88 28.46
N SER A 109 10.91 0.09 27.60
CA SER A 109 11.57 -0.21 26.33
C SER A 109 12.94 -0.81 26.62
N GLU A 110 13.64 -0.25 27.58
CA GLU A 110 14.97 -0.74 27.92
C GLU A 110 14.92 -2.18 28.47
N TYR A 111 14.01 -2.41 29.40
CA TYR A 111 13.85 -3.72 29.99
C TYR A 111 13.48 -4.75 28.93
N LYS A 112 12.47 -4.44 28.12
CA LYS A 112 12.01 -5.42 27.13
C LYS A 112 13.06 -5.73 26.04
N GLU A 113 13.88 -4.74 25.70
CA GLU A 113 14.96 -4.93 24.73
C GLU A 113 16.01 -5.92 25.27
N ARG A 114 16.35 -5.77 26.55
CA ARG A 114 17.31 -6.64 27.21
C ARG A 114 16.82 -8.07 27.36
N PHE A 115 15.59 -8.22 27.87
CA PHE A 115 15.07 -9.53 28.33
C PHE A 115 14.15 -10.26 27.37
N GLY A 116 13.55 -9.54 26.42
CA GLY A 116 12.63 -10.14 25.45
C GLY A 116 11.28 -10.54 26.05
N PHE A 117 10.92 -9.90 27.16
CA PHE A 117 9.58 -9.99 27.73
C PHE A 117 9.29 -8.75 28.57
N PRO A 118 8.00 -8.48 28.88
CA PRO A 118 7.66 -7.28 29.65
C PRO A 118 8.13 -7.33 31.09
N PHE A 119 8.29 -6.15 31.66
CA PHE A 119 8.55 -6.03 33.09
C PHE A 119 7.27 -6.28 33.82
N VAL A 120 7.30 -7.30 34.68
CA VAL A 120 6.13 -7.72 35.41
C VAL A 120 6.45 -7.59 36.89
N ILE A 121 5.54 -6.96 37.62
CA ILE A 121 5.72 -6.81 39.07
C ILE A 121 4.34 -6.90 39.70
N CYS A 122 4.27 -7.35 40.94
CA CYS A 122 3.00 -7.35 41.64
C CYS A 122 2.64 -5.90 42.00
N ALA A 123 1.78 -5.28 41.19
CA ALA A 123 1.52 -3.85 41.31
C ALA A 123 0.76 -3.48 42.58
N ARG A 124 -0.04 -4.42 43.10
CA ARG A 124 -0.78 -4.19 44.33
C ARG A 124 0.11 -4.07 45.58
N LEU A 125 1.37 -4.51 45.47
CA LEU A 125 2.29 -4.44 46.59
C LEU A 125 3.40 -3.42 46.36
N ASN A 126 3.21 -2.54 45.38
CA ASN A 126 4.23 -1.54 45.05
C ASN A 126 3.62 -0.19 44.67
N ASN A 127 4.26 0.89 45.10
CA ASN A 127 3.88 2.22 44.64
C ASN A 127 4.72 2.64 43.44
N LYS A 128 4.35 3.76 42.84
CA LYS A 128 5.05 4.39 41.72
C LYS A 128 6.58 4.42 41.87
N ALA A 129 7.06 4.86 43.02
CA ALA A 129 8.51 4.93 43.26
C ALA A 129 9.15 3.53 43.37
N ASP A 130 8.43 2.63 44.04
CA ASP A 130 8.86 1.24 44.16
C ASP A 130 9.08 0.64 42.77
N ILE A 131 8.10 0.87 41.89
CA ILE A 131 8.15 0.34 40.52
C ILE A 131 9.36 0.83 39.73
N VAL A 132 9.63 2.14 39.79
CA VAL A 132 10.78 2.70 39.08
C VAL A 132 12.08 2.10 39.61
N ARG A 133 12.16 1.90 40.92
CA ARG A 133 13.36 1.34 41.54
C ARG A 133 13.60 -0.11 41.07
N GLN A 134 12.52 -0.90 41.03
CA GLN A 134 12.61 -2.29 40.63
C GLN A 134 12.94 -2.41 39.14
N LEU A 135 12.34 -1.53 38.36
CA LEU A 135 12.60 -1.43 36.93
C LEU A 135 14.09 -1.19 36.67
N SER A 136 14.75 -0.45 37.55
CA SER A 136 16.16 -0.14 37.33
C SER A 136 17.09 -1.18 37.88
N GLU A 137 16.73 -1.77 39.02
CA GLU A 137 17.59 -2.78 39.61
C GLU A 137 17.48 -4.09 38.84
N ARG A 138 16.26 -4.48 38.48
CA ARG A 138 16.09 -5.78 37.78
C ARG A 138 16.71 -5.79 36.39
N LEU A 139 16.85 -4.61 35.80
CA LEU A 139 17.54 -4.46 34.53
C LEU A 139 18.98 -4.99 34.58
N LYS A 140 19.58 -4.94 35.77
CA LYS A 140 20.95 -5.43 35.95
C LYS A 140 21.08 -6.96 35.97
N ASN A 141 19.96 -7.66 36.16
CA ASN A 141 19.99 -9.12 36.30
C ASN A 141 20.40 -9.85 35.04
N ARG A 142 21.00 -11.02 35.21
CA ARG A 142 21.18 -11.96 34.11
C ARG A 142 19.81 -12.45 33.66
N ARG A 143 19.69 -12.80 32.38
CA ARG A 143 18.40 -13.24 31.84
C ARG A 143 17.85 -14.48 32.54
N THR A 144 18.74 -15.43 32.82
CA THR A 144 18.36 -16.67 33.50
C THR A 144 17.70 -16.38 34.86
N ALA A 145 18.28 -15.46 35.60
CA ALA A 145 17.80 -15.12 36.93
C ALA A 145 16.51 -14.28 36.87
N GLU A 146 16.44 -13.35 35.93
CA GLU A 146 15.28 -12.47 35.80
C GLU A 146 13.99 -13.23 35.43
N LEU A 147 14.12 -14.27 34.60
CA LEU A 147 12.96 -15.09 34.24
C LEU A 147 12.38 -15.73 35.50
N GLU A 148 13.24 -16.26 36.35
CA GLU A 148 12.83 -16.79 37.65
C GLU A 148 12.19 -15.73 38.55
N CYS A 149 12.82 -14.55 38.62
CA CYS A 149 12.26 -13.43 39.38
C CYS A 149 10.89 -12.99 38.88
N ALA A 150 10.75 -12.84 37.56
CA ALA A 150 9.48 -12.39 36.99
C ALA A 150 8.36 -13.40 37.22
N ILE A 151 8.67 -14.68 37.07
CA ILE A 151 7.67 -15.74 37.30
C ILE A 151 7.21 -15.76 38.76
N GLU A 152 8.13 -15.50 39.68
CA GLU A 152 7.73 -15.33 41.07
C GLU A 152 6.70 -14.19 41.24
N GLU A 153 6.91 -13.06 40.54
CA GLU A 153 5.92 -11.98 40.56
C GLU A 153 4.58 -12.41 39.95
N VAL A 154 4.62 -13.17 38.85
CA VAL A 154 3.36 -13.68 38.29
C VAL A 154 2.58 -14.48 39.36
N LYS A 155 3.28 -15.31 40.11
CA LYS A 155 2.60 -16.09 41.13
C LYS A 155 2.03 -15.25 42.27
N LYS A 156 2.72 -14.17 42.63
CA LYS A 156 2.19 -13.22 43.60
C LYS A 156 0.90 -12.54 43.11
N ILE A 157 0.90 -12.10 41.85
CA ILE A 157 -0.27 -11.48 41.25
C ILE A 157 -1.44 -12.42 41.28
N CYS A 158 -1.17 -13.66 40.87
CA CYS A 158 -2.15 -14.74 40.90
C CYS A 158 -2.75 -14.94 42.29
N SER A 159 -1.89 -15.08 43.29
CA SER A 159 -2.37 -15.23 44.66
C SER A 159 -3.35 -14.12 45.05
N LEU A 160 -3.02 -12.87 44.76
CA LEU A 160 -3.92 -11.76 45.07
C LEU A 160 -5.22 -11.74 44.25
N ARG A 161 -5.13 -12.12 42.99
CA ARG A 161 -6.32 -12.24 42.14
C ARG A 161 -7.26 -13.30 42.73
N LEU A 162 -6.68 -14.43 43.16
CA LEU A 162 -7.45 -15.51 43.75
C LEU A 162 -8.12 -15.01 45.03
N HIS A 163 -7.36 -14.33 45.88
CA HIS A 163 -7.91 -13.79 47.14
C HIS A 163 -9.00 -12.73 46.93
N SER A 164 -8.98 -12.03 45.80
CA SER A 164 -10.00 -11.03 45.51
C SER A 164 -11.31 -11.67 45.07
N ILE A 165 -11.22 -12.77 44.33
CA ILE A 165 -12.40 -13.58 44.04
C ILE A 165 -12.99 -14.08 45.37
N VAL A 166 -12.10 -14.37 46.33
CA VAL A 166 -12.51 -14.78 47.68
C VAL A 166 -12.76 -13.55 48.56
N ASP B 2 5.48 -13.19 4.37
CA ASP B 2 6.95 -13.04 4.27
C ASP B 2 7.56 -13.35 5.64
N ILE B 3 8.36 -14.41 5.69
CA ILE B 3 8.92 -14.87 6.97
C ILE B 3 10.01 -13.92 7.46
N ASN B 4 10.61 -13.17 6.54
CA ASN B 4 11.57 -12.14 6.91
C ASN B 4 10.91 -11.05 7.75
N VAL B 5 9.72 -10.59 7.36
CA VAL B 5 9.03 -9.58 8.16
C VAL B 5 8.58 -10.15 9.50
N VAL B 6 8.12 -11.40 9.49
CA VAL B 6 7.69 -12.07 10.71
C VAL B 6 8.86 -12.17 11.68
N ASN B 7 10.00 -12.61 11.17
CA ASN B 7 11.22 -12.75 11.95
C ASN B 7 11.74 -11.46 12.60
N ALA B 8 11.32 -10.32 12.07
CA ALA B 8 11.77 -9.02 12.56
C ALA B 8 10.76 -8.37 13.51
N LEU B 9 9.66 -9.06 13.78
CA LEU B 9 8.61 -8.52 14.64
C LEU B 9 9.03 -8.42 16.10
N ALA B 10 8.69 -7.30 16.74
CA ALA B 10 8.69 -7.19 18.20
C ALA B 10 7.75 -8.25 18.79
N TYR B 11 8.03 -8.74 19.99
CA TYR B 11 7.18 -9.81 20.54
C TYR B 11 5.74 -9.29 20.71
N GLU B 12 5.58 -7.99 21.00
CA GLU B 12 4.23 -7.44 21.12
C GLU B 12 3.42 -7.63 19.84
N ASP B 13 4.05 -7.34 18.71
CA ASP B 13 3.40 -7.45 17.40
C ASP B 13 3.23 -8.89 16.94
N PHE B 14 4.21 -9.73 17.26
CA PHE B 14 4.11 -11.17 17.01
C PHE B 14 2.91 -11.75 17.76
N VAL B 15 2.78 -11.40 19.03
CA VAL B 15 1.67 -11.90 19.84
C VAL B 15 0.31 -11.38 19.34
N LYS B 16 0.26 -10.12 18.91
CA LYS B 16 -0.98 -9.59 18.35
C LYS B 16 -1.41 -10.33 17.10
N LEU B 17 -0.45 -10.61 16.22
CA LEU B 17 -0.75 -11.22 14.94
C LEU B 17 -1.07 -12.70 15.10
N PHE B 18 -0.28 -13.37 15.93
CA PHE B 18 -0.35 -14.83 16.06
C PHE B 18 -1.07 -15.32 17.33
N GLY B 19 -1.56 -14.40 18.15
CA GLY B 19 -2.02 -14.75 19.49
C GLY B 19 -3.29 -15.60 19.55
N ASN B 20 -4.01 -15.72 18.44
CA ASN B 20 -5.21 -16.57 18.45
C ASN B 20 -5.17 -17.77 17.50
N VAL B 21 -3.98 -18.18 17.06
CA VAL B 21 -3.88 -19.37 16.20
C VAL B 21 -4.25 -20.63 16.98
N VAL B 22 -4.03 -20.60 18.29
CA VAL B 22 -4.64 -21.56 19.18
C VAL B 22 -5.66 -20.80 20.02
N GLU B 23 -6.91 -21.21 19.91
CA GLU B 23 -8.03 -20.46 20.46
C GLU B 23 -7.81 -20.05 21.93
N LYS B 24 -7.84 -18.74 22.15
CA LYS B 24 -7.68 -18.12 23.46
C LYS B 24 -6.42 -18.56 24.21
N CYS B 25 -5.41 -18.98 23.47
CA CYS B 25 -4.15 -19.37 24.08
C CYS B 25 -2.95 -18.60 23.52
N PRO B 26 -2.92 -17.27 23.74
CA PRO B 26 -1.80 -16.46 23.24
C PRO B 26 -0.47 -16.88 23.84
N LEU B 27 -0.51 -17.54 25.00
CA LEU B 27 0.71 -18.02 25.65
C LEU B 27 1.54 -18.89 24.70
N ILE B 28 0.85 -19.70 23.92
CA ILE B 28 1.56 -20.66 23.06
C ILE B 28 2.32 -19.94 21.95
N SER B 29 1.66 -19.02 21.25
CA SER B 29 2.33 -18.23 20.24
C SER B 29 3.39 -17.31 20.84
N ALA B 30 3.09 -16.74 22.02
CA ALA B 30 4.08 -15.90 22.70
C ALA B 30 5.34 -16.71 23.05
N ALA B 31 5.15 -17.96 23.46
CA ALA B 31 6.27 -18.84 23.83
C ALA B 31 7.19 -19.10 22.64
N ILE B 32 6.62 -19.45 21.50
CA ILE B 32 7.48 -19.89 20.42
C ILE B 32 8.29 -18.74 19.77
N TRP B 33 7.93 -17.49 20.05
CA TRP B 33 8.73 -16.33 19.58
C TRP B 33 10.18 -16.44 20.07
N SER B 34 10.38 -17.15 21.17
CA SER B 34 11.72 -17.43 21.71
C SER B 34 12.60 -18.22 20.75
N TYR B 35 12.01 -18.86 19.75
CA TYR B 35 12.76 -19.73 18.84
C TYR B 35 13.09 -19.08 17.49
N ARG B 36 12.79 -17.79 17.35
CA ARG B 36 13.09 -17.06 16.13
C ARG B 36 14.61 -16.94 15.98
N PRO B 37 15.09 -16.73 14.74
CA PRO B 37 14.35 -16.64 13.48
C PRO B 37 13.81 -17.98 12.99
N PHE B 38 12.65 -17.95 12.34
CA PHE B 38 12.02 -19.13 11.77
C PHE B 38 12.40 -19.28 10.29
N LYS B 39 12.58 -20.54 9.88
CA LYS B 39 12.98 -20.87 8.52
C LYS B 39 11.87 -20.51 7.55
N ASP B 40 10.64 -20.87 7.92
CA ASP B 40 9.44 -20.60 7.15
C ASP B 40 8.25 -20.80 8.09
N LEU B 41 7.04 -20.82 7.53
CA LEU B 41 5.84 -20.96 8.34
C LEU B 41 5.75 -22.37 8.91
N ALA B 42 6.24 -23.35 8.13
CA ALA B 42 6.32 -24.75 8.56
C ALA B 42 7.11 -24.90 9.86
N ASP B 43 8.13 -24.08 10.02
CA ASP B 43 8.96 -24.05 11.22
C ASP B 43 8.11 -23.60 12.42
N ILE B 44 7.34 -22.54 12.22
CA ILE B 44 6.41 -22.05 13.26
C ILE B 44 5.41 -23.14 13.62
N GLU B 45 4.82 -23.77 12.61
CA GLU B 45 3.92 -24.90 12.83
C GLU B 45 4.53 -26.00 13.68
N ALA B 46 5.72 -26.46 13.30
CA ALA B 46 6.40 -27.50 14.04
C ALA B 46 6.69 -27.11 15.50
N ARG B 47 7.09 -25.87 15.72
CA ARG B 47 7.40 -25.39 17.06
C ARG B 47 6.13 -25.38 17.92
N ILE B 48 5.02 -24.94 17.34
CA ILE B 48 3.74 -24.94 18.06
C ILE B 48 3.32 -26.37 18.47
N SER B 49 3.40 -27.30 17.52
CA SER B 49 3.09 -28.71 17.77
C SER B 49 3.99 -29.28 18.88
N GLU B 50 5.28 -28.93 18.83
CA GLU B 50 6.25 -29.40 19.81
C GLU B 50 5.91 -28.85 21.21
N PHE B 51 5.55 -27.58 21.26
CA PHE B 51 5.14 -26.97 22.52
C PHE B 51 3.92 -27.69 23.10
N ILE B 52 2.88 -27.84 22.29
CA ILE B 52 1.65 -28.48 22.76
C ILE B 52 1.97 -29.88 23.29
N HIS B 53 2.83 -30.62 22.59
CA HIS B 53 3.09 -31.98 23.02
C HIS B 53 3.93 -32.08 24.29
N SER B 54 4.66 -31.03 24.62
CA SER B 54 5.45 -30.96 25.84
C SER B 54 4.58 -30.78 27.10
N LEU B 55 3.34 -30.32 26.91
CA LEU B 55 2.43 -30.06 28.03
C LEU B 55 1.99 -31.32 28.74
N PRO B 56 1.73 -31.22 30.06
CA PRO B 56 1.09 -32.34 30.73
C PRO B 56 -0.29 -32.56 30.12
N ASP B 57 -0.85 -33.74 30.31
CA ASP B 57 -2.19 -34.01 29.80
C ASP B 57 -3.19 -32.93 30.25
N SER B 58 -3.08 -32.47 31.49
CA SER B 58 -3.97 -31.40 31.97
C SER B 58 -3.85 -30.12 31.12
N GLY B 59 -2.65 -29.84 30.65
CA GLY B 59 -2.42 -28.72 29.76
C GLY B 59 -3.15 -28.91 28.44
N LYS B 60 -3.13 -30.12 27.93
CA LYS B 60 -3.85 -30.43 26.70
C LYS B 60 -5.37 -30.28 26.88
N GLU B 61 -5.90 -30.85 27.97
CA GLU B 61 -7.32 -30.69 28.32
C GLU B 61 -7.64 -29.21 28.50
N GLY B 62 -6.71 -28.47 29.10
CA GLY B 62 -6.88 -27.03 29.31
C GLY B 62 -7.06 -26.26 28.00
N ILE B 63 -6.23 -26.57 27.00
CA ILE B 63 -6.37 -25.97 25.67
C ILE B 63 -7.77 -26.20 25.09
N LEU B 64 -8.24 -27.44 25.20
CA LEU B 64 -9.57 -27.81 24.70
C LEU B 64 -10.66 -26.95 25.38
N ARG B 65 -10.52 -26.78 26.69
CA ARG B 65 -11.50 -26.03 27.49
C ARG B 65 -11.53 -24.53 27.18
N CYS B 66 -10.50 -24.05 26.49
CA CYS B 66 -10.51 -22.70 26.02
C CYS B 66 -11.33 -22.53 24.73
N HIS B 67 -11.81 -23.63 24.15
CA HIS B 67 -12.58 -23.57 22.89
C HIS B 67 -14.08 -23.47 23.17
N PRO B 68 -14.80 -22.74 22.30
CA PRO B 68 -16.26 -22.67 22.43
C PRO B 68 -16.94 -23.86 21.79
N ASP B 69 -18.12 -24.22 22.29
CA ASP B 69 -18.94 -25.26 21.67
C ASP B 69 -19.36 -24.87 20.26
N LEU B 70 -19.43 -25.85 19.37
CA LEU B 70 -20.04 -25.62 18.06
C LEU B 70 -21.52 -25.33 18.28
N ALA B 71 -21.99 -24.22 17.74
CA ALA B 71 -23.38 -23.78 17.77
C ALA B 71 -23.93 -23.46 19.17
N GLY B 72 -23.05 -23.31 20.16
CA GLY B 72 -23.50 -23.13 21.55
C GLY B 72 -23.64 -21.67 21.98
N ARG B 73 -23.54 -21.44 23.28
CA ARG B 73 -23.82 -20.13 23.88
C ARG B 73 -23.08 -18.96 23.25
N ASP B 74 -21.79 -19.12 22.96
CA ASP B 74 -21.03 -18.01 22.36
C ASP B 74 -21.44 -17.69 20.93
N LEU B 75 -21.70 -18.71 20.11
CA LEU B 75 -22.20 -18.44 18.77
C LEU B 75 -23.52 -17.67 18.89
N GLN B 76 -24.44 -18.25 19.65
CA GLN B 76 -25.81 -17.72 19.74
C GLN B 76 -25.81 -16.26 20.20
N SER B 77 -24.83 -15.88 21.02
CA SER B 77 -24.76 -14.49 21.50
C SER B 77 -23.72 -13.57 20.86
N GLY B 78 -23.13 -14.00 19.75
CA GLY B 78 -22.16 -13.17 19.04
C GLY B 78 -20.90 -12.83 19.84
N THR B 79 -20.44 -13.77 20.67
CA THR B 79 -19.23 -13.53 21.45
C THR B 79 -18.10 -14.49 21.10
N LEU B 80 -18.11 -15.02 19.89
CA LEU B 80 -16.98 -15.82 19.39
C LEU B 80 -15.83 -14.91 18.96
N THR B 81 -14.61 -15.44 19.00
CA THR B 81 -13.48 -14.77 18.39
C THR B 81 -13.75 -14.68 16.87
N PRO B 82 -13.12 -13.72 16.19
CA PRO B 82 -13.36 -13.58 14.75
C PRO B 82 -13.07 -14.85 13.96
N GLU B 83 -11.99 -15.55 14.31
CA GLU B 83 -11.67 -16.83 13.66
C GLU B 83 -12.71 -17.91 13.93
N SER B 84 -13.12 -18.09 15.18
CA SER B 84 -14.16 -19.06 15.47
C SER B 84 -15.47 -18.72 14.75
N GLN B 85 -15.80 -17.44 14.68
CA GLN B 85 -17.02 -17.01 13.98
C GLN B 85 -16.97 -17.38 12.51
N GLU B 86 -15.86 -17.09 11.85
CA GLU B 86 -15.71 -17.43 10.42
C GLU B 86 -15.73 -18.94 10.17
N GLU B 87 -15.06 -19.70 11.04
CA GLU B 87 -15.03 -21.16 10.93
C GLU B 87 -16.39 -21.81 11.16
N GLN B 88 -17.07 -21.40 12.23
CA GLN B 88 -18.37 -21.97 12.53
C GLN B 88 -19.39 -21.63 11.45
N SER B 89 -19.33 -20.40 10.95
CA SER B 89 -20.24 -20.01 9.88
C SER B 89 -19.97 -20.80 8.61
N GLN B 90 -18.70 -21.01 8.28
CA GLN B 90 -18.35 -21.77 7.09
C GLN B 90 -18.82 -23.22 7.16
N ALA B 91 -18.85 -23.78 8.38
CA ALA B 91 -19.28 -25.16 8.61
C ALA B 91 -20.80 -25.33 8.79
N GLY B 92 -21.56 -24.27 8.60
CA GLY B 92 -23.02 -24.34 8.63
C GLY B 92 -23.65 -24.09 9.99
N MET B 93 -22.83 -23.68 10.95
CA MET B 93 -23.29 -23.50 12.32
C MET B 93 -24.18 -22.28 12.56
N THR B 94 -24.14 -21.29 11.69
CA THR B 94 -24.95 -20.07 11.88
C THR B 94 -26.27 -20.09 11.11
N THR B 95 -26.51 -21.16 10.36
CA THR B 95 -27.76 -21.27 9.60
C THR B 95 -28.46 -22.59 9.93
N LEU B 96 -28.29 -23.06 11.15
CA LEU B 96 -28.88 -24.32 11.57
C LEU B 96 -30.33 -24.06 11.92
N ASP B 97 -31.20 -25.03 11.66
CA ASP B 97 -32.59 -24.84 12.01
C ASP B 97 -32.83 -25.20 13.47
N SER B 98 -34.03 -24.88 13.95
CA SER B 98 -34.34 -25.05 15.36
C SER B 98 -34.07 -26.47 15.85
N ALA B 99 -34.36 -27.48 15.03
CA ALA B 99 -34.11 -28.85 15.45
C ALA B 99 -32.62 -29.14 15.44
N GLU B 100 -31.90 -28.51 14.51
CA GLU B 100 -30.47 -28.77 14.36
C GLU B 100 -29.74 -28.22 15.59
N ILE B 101 -30.20 -27.08 16.08
CA ILE B 101 -29.60 -26.43 17.25
C ILE B 101 -29.79 -27.27 18.51
N VAL B 102 -31.01 -27.73 18.76
CA VAL B 102 -31.33 -28.62 19.87
C VAL B 102 -30.48 -29.91 19.86
N HIS B 103 -30.31 -30.48 18.68
CA HIS B 103 -29.51 -31.67 18.56
C HIS B 103 -28.03 -31.43 18.92
N MET B 104 -27.46 -30.32 18.45
CA MET B 104 -26.05 -29.99 18.74
C MET B 104 -25.87 -29.73 20.24
N TYR B 105 -26.88 -29.12 20.85
CA TYR B 105 -26.85 -28.93 22.30
C TYR B 105 -26.78 -30.26 23.04
N ARG B 106 -27.62 -31.21 22.66
CA ARG B 106 -27.63 -32.54 23.28
C ARG B 106 -26.31 -33.29 23.13
N LEU B 107 -25.75 -33.25 21.93
CA LEU B 107 -24.52 -33.97 21.61
C LEU B 107 -23.36 -33.37 22.37
N ASN B 108 -23.29 -32.06 22.38
CA ASN B 108 -22.25 -31.34 23.13
C ASN B 108 -22.34 -31.64 24.60
N SER B 109 -23.56 -31.58 25.13
CA SER B 109 -23.77 -31.91 26.54
C SER B 109 -23.23 -33.28 26.91
N GLU B 110 -23.55 -34.28 26.09
CA GLU B 110 -23.13 -35.65 26.38
C GLU B 110 -21.62 -35.78 26.30
N TYR B 111 -21.03 -35.12 25.31
CA TYR B 111 -19.58 -35.23 25.10
C TYR B 111 -18.84 -34.63 26.31
N LYS B 112 -19.19 -33.40 26.67
CA LYS B 112 -18.50 -32.72 27.77
C LYS B 112 -18.68 -33.40 29.11
N GLU B 113 -19.85 -34.03 29.30
CA GLU B 113 -20.10 -34.83 30.48
C GLU B 113 -19.17 -36.04 30.54
N ARG B 114 -18.96 -36.71 29.40
CA ARG B 114 -18.14 -37.91 29.34
C ARG B 114 -16.65 -37.59 29.54
N PHE B 115 -16.18 -36.59 28.80
CA PHE B 115 -14.74 -36.33 28.70
C PHE B 115 -14.21 -35.20 29.56
N GLY B 116 -15.07 -34.24 29.92
CA GLY B 116 -14.69 -33.11 30.76
C GLY B 116 -13.93 -32.00 30.01
N PHE B 117 -14.19 -31.92 28.71
CA PHE B 117 -13.70 -30.82 27.87
C PHE B 117 -14.63 -30.71 26.64
N PRO B 118 -14.61 -29.57 25.92
CA PRO B 118 -15.57 -29.44 24.80
C PRO B 118 -15.18 -30.28 23.60
N PHE B 119 -16.16 -30.56 22.75
CA PHE B 119 -15.94 -31.18 21.44
C PHE B 119 -15.30 -30.18 20.50
N VAL B 120 -14.09 -30.53 20.07
CA VAL B 120 -13.31 -29.70 19.18
C VAL B 120 -13.08 -30.44 17.87
N ILE B 121 -13.36 -29.78 16.76
CA ILE B 121 -13.11 -30.33 15.44
C ILE B 121 -12.62 -29.21 14.52
N CYS B 122 -11.89 -29.56 13.47
CA CYS B 122 -11.48 -28.55 12.51
C CYS B 122 -12.66 -28.24 11.55
N ALA B 123 -13.43 -27.21 11.87
CA ALA B 123 -14.68 -26.91 11.15
C ALA B 123 -14.44 -26.63 9.66
N ARG B 124 -13.36 -25.91 9.35
CA ARG B 124 -13.04 -25.58 7.96
C ARG B 124 -12.94 -26.82 7.07
N LEU B 125 -12.64 -27.97 7.68
CA LEU B 125 -12.43 -29.19 6.92
C LEU B 125 -13.64 -30.11 7.02
N ASN B 126 -14.73 -29.62 7.60
CA ASN B 126 -15.89 -30.48 7.81
C ASN B 126 -17.19 -29.76 7.47
N ASN B 127 -18.21 -30.50 7.06
CA ASN B 127 -19.52 -29.90 6.99
C ASN B 127 -20.44 -30.38 8.12
N LYS B 128 -21.61 -29.76 8.20
CA LYS B 128 -22.64 -30.12 9.16
C LYS B 128 -22.71 -31.62 9.42
N ALA B 129 -22.97 -32.40 8.36
CA ALA B 129 -23.14 -33.85 8.48
C ALA B 129 -21.93 -34.59 9.06
N ASP B 130 -20.73 -34.29 8.56
CA ASP B 130 -19.53 -34.96 9.06
C ASP B 130 -19.24 -34.58 10.51
N ILE B 131 -19.62 -33.38 10.91
CA ILE B 131 -19.51 -32.95 12.31
C ILE B 131 -20.42 -33.77 13.24
N VAL B 132 -21.69 -33.92 12.86
CA VAL B 132 -22.59 -34.79 13.63
C VAL B 132 -22.04 -36.19 13.71
N ARG B 133 -21.54 -36.70 12.59
CA ARG B 133 -20.99 -38.05 12.54
C ARG B 133 -19.82 -38.23 13.50
N GLN B 134 -18.88 -37.30 13.46
CA GLN B 134 -17.69 -37.35 14.33
C GLN B 134 -18.06 -37.19 15.79
N LEU B 135 -19.01 -36.31 16.10
CA LEU B 135 -19.45 -36.17 17.49
C LEU B 135 -19.89 -37.54 18.04
N SER B 136 -20.70 -38.27 17.29
CA SER B 136 -21.18 -39.57 17.72
C SER B 136 -20.09 -40.63 17.82
N GLU B 137 -19.19 -40.64 16.84
CA GLU B 137 -18.12 -41.62 16.81
C GLU B 137 -17.18 -41.45 18.00
N ARG B 138 -16.67 -40.23 18.15
CA ARG B 138 -15.66 -39.93 19.17
C ARG B 138 -16.20 -40.10 20.59
N LEU B 139 -17.51 -39.93 20.74
CA LEU B 139 -18.19 -40.18 22.00
C LEU B 139 -17.90 -41.61 22.49
N LYS B 140 -17.66 -42.53 21.57
CA LYS B 140 -17.37 -43.92 21.96
C LYS B 140 -15.93 -44.19 22.36
N ASN B 141 -15.03 -43.22 22.12
CA ASN B 141 -13.61 -43.39 22.43
C ASN B 141 -13.30 -43.42 23.93
N ARG B 142 -12.19 -44.09 24.27
CA ARG B 142 -11.55 -44.02 25.59
C ARG B 142 -10.98 -42.60 25.76
N ARG B 143 -10.85 -42.14 27.00
CA ARG B 143 -10.36 -40.78 27.28
C ARG B 143 -8.98 -40.49 26.69
N THR B 144 -8.06 -41.43 26.87
CA THR B 144 -6.69 -41.28 26.38
C THR B 144 -6.67 -41.10 24.86
N ALA B 145 -7.37 -41.99 24.16
CA ALA B 145 -7.47 -41.90 22.70
C ALA B 145 -8.18 -40.63 22.24
N GLU B 146 -9.21 -40.22 22.96
CA GLU B 146 -9.96 -39.02 22.61
C GLU B 146 -9.14 -37.74 22.78
N LEU B 147 -8.39 -37.65 23.86
CA LEU B 147 -7.54 -36.47 24.05
C LEU B 147 -6.57 -36.31 22.88
N GLU B 148 -5.95 -37.40 22.47
CA GLU B 148 -5.08 -37.37 21.27
C GLU B 148 -5.82 -36.90 20.01
N CYS B 149 -7.02 -37.44 19.78
CA CYS B 149 -7.82 -37.05 18.63
C CYS B 149 -8.15 -35.56 18.64
N ALA B 150 -8.59 -35.09 19.80
CA ALA B 150 -9.01 -33.70 19.92
C ALA B 150 -7.82 -32.74 19.74
N ILE B 151 -6.66 -33.09 20.27
CA ILE B 151 -5.47 -32.22 20.11
C ILE B 151 -5.01 -32.16 18.64
N GLU B 152 -5.17 -33.26 17.92
CA GLU B 152 -4.88 -33.25 16.47
C GLU B 152 -5.77 -32.25 15.75
N GLU B 153 -7.02 -32.15 16.18
CA GLU B 153 -7.95 -31.18 15.59
C GLU B 153 -7.48 -29.77 15.88
N VAL B 154 -7.07 -29.53 17.14
CA VAL B 154 -6.53 -28.22 17.50
C VAL B 154 -5.34 -27.84 16.59
N LYS B 155 -4.46 -28.80 16.33
CA LYS B 155 -3.32 -28.56 15.47
C LYS B 155 -3.73 -28.25 14.03
N LYS B 156 -4.78 -28.91 13.54
CA LYS B 156 -5.25 -28.61 12.19
C LYS B 156 -5.79 -27.18 12.12
N ILE B 157 -6.60 -26.81 13.13
CA ILE B 157 -7.17 -25.47 13.23
C ILE B 157 -6.03 -24.44 13.23
N CYS B 158 -5.03 -24.68 14.06
CA CYS B 158 -3.86 -23.80 14.15
C CYS B 158 -3.16 -23.62 12.80
N SER B 159 -2.90 -24.74 12.13
CA SER B 159 -2.30 -24.70 10.80
C SER B 159 -3.08 -23.83 9.83
N LEU B 160 -4.41 -24.00 9.79
CA LEU B 160 -5.23 -23.18 8.90
C LEU B 160 -5.23 -21.71 9.31
N ARG B 161 -5.32 -21.44 10.61
CA ARG B 161 -5.27 -20.04 11.09
C ARG B 161 -3.94 -19.36 10.74
N LEU B 162 -2.85 -20.07 10.95
CA LEU B 162 -1.52 -19.59 10.57
C LEU B 162 -1.47 -19.20 9.09
N HIS B 163 -2.01 -20.06 8.25
CA HIS B 163 -1.95 -19.86 6.81
C HIS B 163 -2.97 -18.83 6.30
N SER B 164 -3.84 -18.37 7.20
CA SER B 164 -4.78 -17.30 6.89
C SER B 164 -4.19 -15.94 7.21
N ILE B 165 -3.20 -15.91 8.08
CA ILE B 165 -2.47 -14.68 8.39
C ILE B 165 -1.51 -14.36 7.24
N MET C 1 14.03 11.54 20.98
CA MET C 1 14.89 12.33 21.90
C MET C 1 14.14 12.85 23.13
N ASP C 2 14.88 13.04 24.21
CA ASP C 2 14.31 13.51 25.47
C ASP C 2 13.86 14.99 25.36
N ILE C 3 12.95 15.42 26.24
CA ILE C 3 12.39 16.80 26.19
C ILE C 3 13.48 17.86 26.27
N ASN C 4 14.50 17.60 27.08
CA ASN C 4 15.60 18.54 27.26
C ASN C 4 16.37 18.72 25.97
N VAL C 5 16.59 17.62 25.27
CA VAL C 5 17.29 17.65 24.00
C VAL C 5 16.43 18.40 22.98
N VAL C 6 15.13 18.10 22.97
CA VAL C 6 14.21 18.80 22.07
C VAL C 6 14.26 20.32 22.33
N ASN C 7 14.20 20.71 23.60
CA ASN C 7 14.14 22.11 23.97
C ASN C 7 15.40 22.90 23.62
N ALA C 8 16.52 22.20 23.48
CA ALA C 8 17.79 22.85 23.14
C ALA C 8 18.07 22.94 21.62
N LEU C 9 17.17 22.39 20.80
CA LEU C 9 17.35 22.44 19.34
C LEU C 9 17.23 23.88 18.80
N ALA C 10 18.17 24.26 17.95
CA ALA C 10 18.04 25.48 17.15
C ALA C 10 16.80 25.33 16.25
N TYR C 11 16.17 26.43 15.83
CA TYR C 11 14.93 26.26 15.02
C TYR C 11 15.18 25.46 13.73
N GLU C 12 16.35 25.67 13.10
CA GLU C 12 16.62 24.91 11.87
C GLU C 12 16.54 23.40 12.11
N ASP C 13 17.10 22.94 13.22
CA ASP C 13 17.14 21.53 13.50
C ASP C 13 15.78 21.03 13.98
N PHE C 14 15.08 21.89 14.73
CA PHE C 14 13.71 21.59 15.14
C PHE C 14 12.79 21.38 13.93
N VAL C 15 12.90 22.28 12.94
CA VAL C 15 12.05 22.23 11.75
C VAL C 15 12.42 21.02 10.89
N LYS C 16 13.72 20.74 10.77
CA LYS C 16 14.15 19.55 10.04
C LYS C 16 13.54 18.27 10.63
N LEU C 17 13.57 18.16 11.96
CA LEU C 17 13.14 16.94 12.66
C LEU C 17 11.61 16.79 12.68
N PHE C 18 10.94 17.87 13.02
CA PHE C 18 9.49 17.84 13.24
C PHE C 18 8.66 18.45 12.12
N GLY C 19 9.31 18.82 11.02
CA GLY C 19 8.65 19.58 9.96
C GLY C 19 7.53 18.88 9.22
N ASN C 20 7.39 17.57 9.43
CA ASN C 20 6.33 16.80 8.76
C ASN C 20 5.38 16.12 9.73
N VAL C 21 5.37 16.52 11.01
CA VAL C 21 4.40 15.93 11.91
C VAL C 21 2.96 16.34 11.50
N VAL C 22 2.83 17.52 10.90
CA VAL C 22 1.58 17.82 10.20
C VAL C 22 1.92 17.81 8.70
N GLU C 23 1.28 16.91 7.96
CA GLU C 23 1.68 16.61 6.57
C GLU C 23 1.91 17.86 5.68
N LYS C 24 3.13 18.01 5.18
CA LYS C 24 3.54 19.14 4.33
C LYS C 24 3.23 20.52 4.91
N CYS C 25 3.20 20.62 6.24
CA CYS C 25 2.99 21.89 6.92
C CYS C 25 4.12 22.19 7.92
N PRO C 26 5.35 22.38 7.42
CA PRO C 26 6.45 22.65 8.34
C PRO C 26 6.25 23.98 9.08
N LEU C 27 5.42 24.86 8.55
CA LEU C 27 5.15 26.14 9.16
C LEU C 27 4.58 25.99 10.60
N ILE C 28 3.77 24.96 10.80
CA ILE C 28 3.16 24.71 12.10
C ILE C 28 4.19 24.33 13.17
N SER C 29 5.09 23.41 12.82
CA SER C 29 6.16 22.99 13.71
C SER C 29 7.15 24.13 13.90
N ALA C 30 7.43 24.86 12.82
CA ALA C 30 8.29 26.07 12.92
C ALA C 30 7.70 27.12 13.86
N ALA C 31 6.38 27.31 13.80
CA ALA C 31 5.71 28.29 14.66
C ALA C 31 5.82 27.97 16.15
N ILE C 32 5.58 26.71 16.52
CA ILE C 32 5.48 26.37 17.94
C ILE C 32 6.83 26.45 18.64
N TRP C 33 7.91 26.46 17.86
CA TRP C 33 9.26 26.65 18.43
C TRP C 33 9.35 27.95 19.22
N SER C 34 8.55 28.94 18.82
CA SER C 34 8.50 30.23 19.56
C SER C 34 8.09 30.05 21.02
N TYR C 35 7.34 28.98 21.31
CA TYR C 35 6.83 28.78 22.67
C TYR C 35 7.74 27.93 23.58
N ARG C 36 8.94 27.60 23.10
CA ARG C 36 9.89 26.82 23.88
C ARG C 36 10.16 27.55 25.22
N PRO C 37 10.45 26.80 26.30
CA PRO C 37 10.57 25.34 26.34
C PRO C 37 9.22 24.64 26.38
N PHE C 38 9.20 23.40 25.90
CA PHE C 38 8.03 22.56 26.11
C PHE C 38 8.17 21.81 27.42
N LYS C 39 7.11 21.79 28.22
CA LYS C 39 7.13 21.13 29.53
C LYS C 39 7.31 19.62 29.34
N ASP C 40 6.65 19.10 28.31
CA ASP C 40 6.58 17.66 28.08
C ASP C 40 6.00 17.42 26.69
N LEU C 41 5.84 16.15 26.33
CA LEU C 41 5.29 15.81 25.03
C LEU C 41 3.89 16.39 24.86
N ALA C 42 3.08 16.32 25.92
CA ALA C 42 1.70 16.82 25.84
C ALA C 42 1.67 18.32 25.57
N ASP C 43 2.69 19.02 26.04
CA ASP C 43 2.79 20.47 25.80
C ASP C 43 3.05 20.75 24.32
N ILE C 44 3.90 19.95 23.67
CA ILE C 44 4.11 20.07 22.22
C ILE C 44 2.78 19.89 21.49
N GLU C 45 2.07 18.81 21.81
CA GLU C 45 0.76 18.56 21.19
C GLU C 45 -0.24 19.70 21.44
N ALA C 46 -0.23 20.27 22.65
CA ALA C 46 -1.15 21.36 22.98
C ALA C 46 -0.85 22.62 22.16
N ARG C 47 0.43 22.93 21.98
CA ARG C 47 0.81 24.11 21.20
C ARG C 47 0.39 23.91 19.74
N ILE C 48 0.56 22.70 19.24
CA ILE C 48 0.10 22.39 17.88
C ILE C 48 -1.42 22.55 17.77
N SER C 49 -2.15 21.98 18.73
CA SER C 49 -3.61 22.07 18.73
C SER C 49 -4.08 23.53 18.79
N GLU C 50 -3.49 24.30 19.70
CA GLU C 50 -3.82 25.69 19.85
C GLU C 50 -3.52 26.53 18.61
N PHE C 51 -2.39 26.27 17.96
CA PHE C 51 -2.05 26.97 16.74
C PHE C 51 -3.11 26.71 15.67
N ILE C 52 -3.40 25.43 15.45
CA ILE C 52 -4.37 25.07 14.44
C ILE C 52 -5.72 25.69 14.75
N HIS C 53 -6.12 25.67 16.01
CA HIS C 53 -7.44 26.16 16.37
C HIS C 53 -7.58 27.66 16.12
N SER C 54 -6.47 28.38 16.20
CA SER C 54 -6.41 29.81 15.96
C SER C 54 -6.55 30.24 14.50
N LEU C 55 -6.43 29.27 13.59
CA LEU C 55 -6.49 29.58 12.17
C LEU C 55 -7.91 29.87 11.73
N PRO C 56 -8.07 30.68 10.66
CA PRO C 56 -9.41 30.83 10.08
C PRO C 56 -9.81 29.47 9.53
N ASP C 57 -11.11 29.28 9.30
CA ASP C 57 -11.56 28.00 8.71
C ASP C 57 -10.81 27.65 7.42
N SER C 58 -10.49 28.65 6.60
CA SER C 58 -9.73 28.40 5.37
C SER C 58 -8.36 27.79 5.65
N GLY C 59 -7.77 28.13 6.79
CA GLY C 59 -6.46 27.56 7.18
C GLY C 59 -6.58 26.08 7.55
N LYS C 60 -7.68 25.75 8.21
CA LYS C 60 -7.93 24.36 8.60
C LYS C 60 -8.17 23.56 7.34
N GLU C 61 -8.97 24.13 6.43
CA GLU C 61 -9.17 23.50 5.12
C GLU C 61 -7.84 23.37 4.37
N GLY C 62 -7.02 24.41 4.43
CA GLY C 62 -5.70 24.40 3.82
C GLY C 62 -4.81 23.24 4.28
N ILE C 63 -4.75 23.01 5.58
CA ILE C 63 -4.01 21.88 6.17
C ILE C 63 -4.48 20.55 5.55
N LEU C 64 -5.80 20.38 5.46
CA LEU C 64 -6.37 19.13 4.93
C LEU C 64 -5.96 18.96 3.47
N ARG C 65 -5.99 20.05 2.70
CA ARG C 65 -5.60 20.03 1.31
C ARG C 65 -4.12 19.74 1.05
N CYS C 66 -3.30 19.86 2.08
CA CYS C 66 -1.91 19.46 1.98
C CYS C 66 -1.73 17.94 2.14
N HIS C 67 -2.81 17.23 2.47
CA HIS C 67 -2.73 15.77 2.63
C HIS C 67 -3.05 15.06 1.31
N PRO C 68 -2.39 13.93 1.06
CA PRO C 68 -2.68 13.11 -0.13
C PRO C 68 -3.89 12.22 0.14
N ASP C 69 -4.56 11.78 -0.92
CA ASP C 69 -5.63 10.79 -0.78
C ASP C 69 -5.09 9.46 -0.28
N LEU C 70 -5.94 8.70 0.42
CA LEU C 70 -5.65 7.29 0.68
C LEU C 70 -5.77 6.54 -0.64
N ALA C 71 -4.74 5.78 -1.00
CA ALA C 71 -4.73 4.96 -2.21
C ALA C 71 -4.95 5.77 -3.48
N GLY C 72 -4.50 7.01 -3.46
CA GLY C 72 -4.70 7.92 -4.58
C GLY C 72 -3.48 8.04 -5.46
N ARG C 73 -3.40 9.14 -6.20
CA ARG C 73 -2.38 9.32 -7.23
C ARG C 73 -0.94 9.30 -6.66
N ASP C 74 -0.73 9.90 -5.51
CA ASP C 74 0.63 9.94 -4.96
C ASP C 74 1.08 8.56 -4.48
N LEU C 75 0.19 7.76 -3.92
CA LEU C 75 0.57 6.39 -3.58
C LEU C 75 0.98 5.63 -4.86
N GLN C 76 0.18 5.76 -5.91
CA GLN C 76 0.47 5.09 -7.19
C GLN C 76 1.81 5.53 -7.79
N SER C 77 2.17 6.78 -7.58
CA SER C 77 3.37 7.36 -8.19
C SER C 77 4.61 7.30 -7.30
N GLY C 78 4.45 6.75 -6.10
CA GLY C 78 5.55 6.67 -5.14
C GLY C 78 6.05 8.05 -4.72
N THR C 79 5.14 9.01 -4.60
CA THR C 79 5.54 10.37 -4.24
C THR C 79 4.91 10.80 -2.93
N LEU C 80 4.57 9.85 -2.08
CA LEU C 80 4.12 10.16 -0.71
C LEU C 80 5.34 10.58 0.13
N THR C 81 5.10 11.37 1.18
CA THR C 81 6.14 11.60 2.20
C THR C 81 6.51 10.25 2.83
N PRO C 82 7.72 10.13 3.40
CA PRO C 82 8.05 8.86 4.06
C PRO C 82 7.01 8.39 5.07
N GLU C 83 6.48 9.33 5.87
CA GLU C 83 5.49 9.00 6.89
C GLU C 83 4.17 8.51 6.26
N SER C 84 3.68 9.21 5.24
CA SER C 84 2.44 8.77 4.58
C SER C 84 2.59 7.41 3.87
N GLN C 85 3.73 7.22 3.24
CA GLN C 85 4.03 5.92 2.62
C GLN C 85 3.88 4.80 3.64
N GLU C 86 4.51 4.97 4.80
CA GLU C 86 4.47 3.97 5.88
C GLU C 86 3.06 3.76 6.44
N GLU C 87 2.39 4.86 6.75
CA GLU C 87 1.05 4.82 7.29
C GLU C 87 0.05 4.12 6.34
N GLN C 88 0.09 4.50 5.07
CA GLN C 88 -0.83 3.92 4.08
C GLN C 88 -0.55 2.43 3.84
N SER C 89 0.73 2.06 3.80
CA SER C 89 1.10 0.67 3.58
C SER C 89 0.67 -0.19 4.76
N GLN C 90 0.77 0.35 5.97
CA GLN C 90 0.34 -0.34 7.20
C GLN C 90 -1.19 -0.49 7.28
N ALA C 91 -1.90 0.42 6.65
CA ALA C 91 -3.37 0.41 6.66
C ALA C 91 -3.98 -0.47 5.58
N GLY C 92 -3.14 -0.98 4.68
CA GLY C 92 -3.60 -1.89 3.63
C GLY C 92 -3.78 -1.27 2.26
N MET C 93 -3.23 -0.07 2.04
CA MET C 93 -3.54 0.70 0.84
C MET C 93 -2.73 0.29 -0.38
N THR C 94 -1.66 -0.46 -0.17
CA THR C 94 -0.76 -0.84 -1.25
C THR C 94 -1.17 -2.12 -1.96
N THR C 95 -2.09 -2.85 -1.35
CA THR C 95 -2.43 -4.17 -1.87
C THR C 95 -3.95 -4.32 -2.03
N LEU C 96 -4.60 -3.23 -2.38
CA LEU C 96 -6.03 -3.27 -2.69
C LEU C 96 -6.26 -4.00 -4.01
N ASP C 97 -7.28 -4.85 -4.04
CA ASP C 97 -7.66 -5.50 -5.30
C ASP C 97 -8.53 -4.56 -6.14
N SER C 98 -8.86 -4.98 -7.36
CA SER C 98 -9.50 -4.09 -8.30
C SER C 98 -10.87 -3.60 -7.83
N ALA C 99 -11.61 -4.43 -7.10
CA ALA C 99 -12.89 -3.97 -6.58
C ALA C 99 -12.68 -2.89 -5.51
N GLU C 100 -11.72 -3.12 -4.63
CA GLU C 100 -11.37 -2.17 -3.57
C GLU C 100 -10.85 -0.84 -4.12
N ILE C 101 -10.04 -0.91 -5.18
CA ILE C 101 -9.52 0.29 -5.84
C ILE C 101 -10.64 1.21 -6.34
N VAL C 102 -11.60 0.65 -7.06
CA VAL C 102 -12.64 1.52 -7.59
C VAL C 102 -13.56 2.05 -6.49
N HIS C 103 -13.78 1.25 -5.45
CA HIS C 103 -14.63 1.68 -4.33
C HIS C 103 -13.97 2.85 -3.61
N MET C 104 -12.68 2.72 -3.31
CA MET C 104 -11.94 3.83 -2.67
C MET C 104 -11.90 5.06 -3.57
N TYR C 105 -11.77 4.84 -4.89
CA TYR C 105 -11.72 5.98 -5.81
C TYR C 105 -13.01 6.77 -5.79
N ARG C 106 -14.13 6.04 -5.89
CA ARG C 106 -15.44 6.66 -5.91
C ARG C 106 -15.73 7.43 -4.61
N LEU C 107 -15.46 6.79 -3.49
CA LEU C 107 -15.69 7.43 -2.19
C LEU C 107 -14.82 8.68 -2.02
N ASN C 108 -13.54 8.56 -2.36
CA ASN C 108 -12.63 9.72 -2.25
C ASN C 108 -13.14 10.85 -3.16
N SER C 109 -13.55 10.51 -4.38
CA SER C 109 -14.03 11.50 -5.33
C SER C 109 -15.29 12.20 -4.81
N GLU C 110 -16.22 11.43 -4.24
CA GLU C 110 -17.45 12.03 -3.71
C GLU C 110 -17.12 12.91 -2.51
N TYR C 111 -16.22 12.43 -1.66
CA TYR C 111 -15.82 13.18 -0.46
C TYR C 111 -15.19 14.52 -0.84
N LYS C 112 -14.20 14.50 -1.72
CA LYS C 112 -13.54 15.73 -2.18
C LYS C 112 -14.50 16.73 -2.83
N GLU C 113 -15.43 16.23 -3.63
CA GLU C 113 -16.41 17.09 -4.28
C GLU C 113 -17.34 17.77 -3.24
N ARG C 114 -17.74 16.98 -2.25
CA ARG C 114 -18.66 17.45 -1.21
C ARG C 114 -18.01 18.50 -0.31
N PHE C 115 -16.81 18.21 0.18
CA PHE C 115 -16.21 19.02 1.24
C PHE C 115 -15.13 20.01 0.76
N GLY C 116 -14.60 19.78 -0.44
CA GLY C 116 -13.57 20.63 -1.00
C GLY C 116 -12.20 20.42 -0.32
N PHE C 117 -12.00 19.25 0.25
CA PHE C 117 -10.70 18.84 0.78
C PHE C 117 -10.67 17.31 0.89
N PRO C 118 -9.47 16.70 0.95
CA PRO C 118 -9.39 15.22 0.93
C PRO C 118 -9.83 14.57 2.22
N PHE C 119 -10.26 13.32 2.11
CA PHE C 119 -10.56 12.50 3.29
C PHE C 119 -9.28 12.15 4.04
N VAL C 120 -9.22 12.58 5.30
CA VAL C 120 -8.05 12.39 6.15
C VAL C 120 -8.46 11.54 7.37
N ILE C 121 -7.70 10.50 7.64
CA ILE C 121 -7.92 9.65 8.81
C ILE C 121 -6.58 9.19 9.38
N CYS C 122 -6.53 8.88 10.66
CA CYS C 122 -5.30 8.36 11.23
C CYS C 122 -5.18 6.89 10.83
N ALA C 123 -4.37 6.63 9.80
CA ALA C 123 -4.30 5.31 9.15
C ALA C 123 -3.66 4.27 10.04
N ARG C 124 -2.79 4.73 10.94
CA ARG C 124 -2.15 3.80 11.86
C ARG C 124 -3.13 3.22 12.88
N LEU C 125 -4.31 3.82 12.99
CA LEU C 125 -5.35 3.35 13.94
C LEU C 125 -6.56 2.70 13.27
N ASN C 126 -6.50 2.55 11.95
CA ASN C 126 -7.61 1.94 11.20
C ASN C 126 -7.17 0.93 10.14
N ASN C 127 -7.88 -0.19 10.06
CA ASN C 127 -7.64 -1.08 8.94
C ASN C 127 -8.50 -0.71 7.73
N LYS C 128 -8.26 -1.41 6.63
CA LYS C 128 -9.00 -1.31 5.39
C LYS C 128 -10.52 -1.13 5.58
N ALA C 129 -11.13 -2.05 6.33
CA ALA C 129 -12.58 -2.03 6.56
C ALA C 129 -13.03 -0.81 7.37
N ASP C 130 -12.29 -0.49 8.43
CA ASP C 130 -12.54 0.70 9.25
C ASP C 130 -12.56 1.96 8.39
N ILE C 131 -11.64 2.04 7.43
CA ILE C 131 -11.49 3.22 6.58
C ILE C 131 -12.70 3.40 5.64
N VAL C 132 -13.14 2.31 5.04
CA VAL C 132 -14.30 2.34 4.19
C VAL C 132 -15.52 2.75 5.01
N ARG C 133 -15.65 2.18 6.20
CA ARG C 133 -16.76 2.52 7.09
C ARG C 133 -16.73 4.00 7.44
N GLN C 134 -15.55 4.49 7.78
CA GLN C 134 -15.42 5.88 8.24
C GLN C 134 -15.67 6.89 7.12
N LEU C 135 -15.18 6.57 5.92
CA LEU C 135 -15.40 7.38 4.74
C LEU C 135 -16.90 7.48 4.42
N SER C 136 -17.58 6.34 4.42
CA SER C 136 -19.01 6.33 4.14
C SER C 136 -19.83 7.12 5.19
N GLU C 137 -19.47 6.97 6.45
CA GLU C 137 -20.17 7.67 7.54
C GLU C 137 -19.92 9.16 7.48
N ARG C 138 -18.66 9.54 7.28
CA ARG C 138 -18.29 10.95 7.26
C ARG C 138 -18.81 11.71 6.04
N LEU C 139 -18.95 11.00 4.91
CA LEU C 139 -19.62 11.58 3.75
C LEU C 139 -20.97 12.18 4.10
N LYS C 140 -21.64 11.64 5.12
CA LYS C 140 -22.96 12.10 5.50
C LYS C 140 -22.96 13.36 6.38
N ASN C 141 -21.80 13.70 6.96
CA ASN C 141 -21.73 14.84 7.88
C ASN C 141 -21.99 16.20 7.24
N ARG C 142 -22.51 17.14 8.03
CA ARG C 142 -22.61 18.52 7.58
C ARG C 142 -21.18 19.07 7.45
N ARG C 143 -20.99 20.10 6.62
CA ARG C 143 -19.65 20.61 6.35
C ARG C 143 -18.92 21.09 7.61
N THR C 144 -19.62 21.83 8.47
CA THR C 144 -18.95 22.36 9.67
C THR C 144 -18.49 21.25 10.58
N ALA C 145 -19.35 20.26 10.80
CA ALA C 145 -19.03 19.10 11.62
C ALA C 145 -17.86 18.32 11.03
N GLU C 146 -17.84 18.17 9.70
CA GLU C 146 -16.76 17.40 9.08
C GLU C 146 -15.39 18.08 9.21
N LEU C 147 -15.35 19.40 9.15
CA LEU C 147 -14.06 20.10 9.33
C LEU C 147 -13.50 19.76 10.71
N GLU C 148 -14.37 19.81 11.72
CA GLU C 148 -13.98 19.47 13.09
C GLU C 148 -13.46 18.02 13.18
N CYS C 149 -14.24 17.10 12.62
CA CYS C 149 -13.88 15.70 12.56
C CYS C 149 -12.49 15.48 11.92
N ALA C 150 -12.28 16.11 10.78
CA ALA C 150 -11.06 15.91 9.99
C ALA C 150 -9.84 16.47 10.72
N ILE C 151 -9.98 17.65 11.30
CA ILE C 151 -8.86 18.27 12.01
C ILE C 151 -8.50 17.42 13.25
N GLU C 152 -9.50 16.79 13.88
CA GLU C 152 -9.20 15.86 14.97
C GLU C 152 -8.29 14.72 14.48
N GLU C 153 -8.53 14.22 13.27
CA GLU C 153 -7.69 13.17 12.70
C GLU C 153 -6.28 13.67 12.40
N VAL C 154 -6.17 14.88 11.84
CA VAL C 154 -4.85 15.51 11.67
C VAL C 154 -4.07 15.49 13.01
N LYS C 155 -4.74 15.84 14.09
CA LYS C 155 -4.08 15.90 15.41
C LYS C 155 -3.70 14.50 15.92
N LYS C 156 -4.51 13.51 15.58
CA LYS C 156 -4.15 12.12 15.90
C LYS C 156 -2.91 11.65 15.12
N ILE C 157 -2.88 11.96 13.83
CA ILE C 157 -1.74 11.62 12.95
C ILE C 157 -0.47 12.27 13.48
N CYS C 158 -0.60 13.55 13.78
CA CYS C 158 0.50 14.33 14.35
C CYS C 158 0.98 13.71 15.68
N SER C 159 0.06 13.32 16.54
CA SER C 159 0.44 12.72 17.82
C SER C 159 1.34 11.49 17.62
N LEU C 160 0.96 10.61 16.69
CA LEU C 160 1.76 9.41 16.49
C LEU C 160 3.09 9.69 15.80
N ARG C 161 3.10 10.67 14.90
CA ARG C 161 4.35 11.05 14.28
C ARG C 161 5.30 11.64 15.32
N LEU C 162 4.77 12.43 16.25
CA LEU C 162 5.58 12.99 17.35
C LEU C 162 6.11 11.87 18.23
N HIS C 163 5.25 10.93 18.56
CA HIS C 163 5.67 9.83 19.41
C HIS C 163 6.78 9.01 18.75
N SER C 164 6.67 8.76 17.45
CA SER C 164 7.69 8.02 16.73
C SER C 164 9.05 8.72 16.80
N ILE C 165 9.05 10.04 16.93
CA ILE C 165 10.30 10.78 17.01
C ILE C 165 10.83 10.83 18.43
N VAL C 166 9.97 11.18 19.37
CA VAL C 166 10.35 11.41 20.77
C VAL C 166 10.66 10.10 21.52
N LEU C 167 9.91 9.04 21.20
CA LEU C 167 10.04 7.77 21.92
C LEU C 167 10.93 6.78 21.19
N ASP D 2 -4.50 33.48 -17.31
CA ASP D 2 -5.97 33.75 -17.33
C ASP D 2 -6.68 33.38 -16.03
N ILE D 3 -7.27 34.37 -15.37
CA ILE D 3 -7.98 34.19 -14.10
C ILE D 3 -9.15 33.20 -14.17
N ASN D 4 -9.85 33.16 -15.30
CA ASN D 4 -10.96 32.22 -15.43
C ASN D 4 -10.44 30.79 -15.41
N VAL D 5 -9.26 30.60 -15.99
CA VAL D 5 -8.58 29.31 -15.96
C VAL D 5 -8.21 28.98 -14.50
N VAL D 6 -7.49 29.89 -13.85
CA VAL D 6 -7.19 29.74 -12.41
C VAL D 6 -8.43 29.37 -11.57
N ASN D 7 -9.52 30.12 -11.73
CA ASN D 7 -10.74 29.89 -10.97
C ASN D 7 -11.36 28.50 -11.13
N ALA D 8 -11.10 27.85 -12.26
CA ALA D 8 -11.68 26.55 -12.54
C ALA D 8 -10.79 25.37 -12.08
N LEU D 9 -9.67 25.65 -11.43
CA LEU D 9 -8.76 24.57 -11.01
C LEU D 9 -9.34 23.81 -9.84
N ALA D 10 -9.19 22.49 -9.86
CA ALA D 10 -9.45 21.67 -8.68
C ALA D 10 -8.42 22.07 -7.62
N TYR D 11 -8.72 21.87 -6.34
CA TYR D 11 -7.72 22.29 -5.33
C TYR D 11 -6.36 21.61 -5.53
N GLU D 12 -6.35 20.33 -5.92
CA GLU D 12 -5.06 19.64 -6.05
C GLU D 12 -4.18 20.38 -7.05
N ASP D 13 -4.77 20.83 -8.15
CA ASP D 13 -4.00 21.54 -9.17
C ASP D 13 -3.62 22.96 -8.77
N PHE D 14 -4.52 23.63 -8.07
CA PHE D 14 -4.24 24.96 -7.53
C PHE D 14 -3.02 24.89 -6.61
N VAL D 15 -3.02 23.90 -5.71
CA VAL D 15 -1.92 23.71 -4.76
C VAL D 15 -0.62 23.33 -5.48
N LYS D 16 -0.71 22.48 -6.50
CA LYS D 16 0.48 22.16 -7.29
C LYS D 16 1.11 23.38 -7.97
N LEU D 17 0.26 24.26 -8.48
CA LEU D 17 0.70 25.43 -9.22
C LEU D 17 1.22 26.52 -8.30
N PHE D 18 0.48 26.81 -7.23
CA PHE D 18 0.78 27.98 -6.38
C PHE D 18 1.42 27.60 -5.05
N GLY D 19 1.75 26.32 -4.88
CA GLY D 19 2.17 25.79 -3.58
C GLY D 19 3.46 26.35 -3.00
N ASN D 20 4.28 26.98 -3.84
CA ASN D 20 5.55 27.54 -3.39
C ASN D 20 5.69 29.06 -3.55
N VAL D 21 4.58 29.78 -3.72
CA VAL D 21 4.67 31.22 -3.83
C VAL D 21 5.11 31.85 -2.50
N VAL D 22 4.85 31.13 -1.42
CA VAL D 22 5.45 31.44 -0.14
C VAL D 22 6.26 30.21 0.18
N GLU D 23 7.57 30.42 0.30
CA GLU D 23 8.54 29.34 0.36
C GLU D 23 8.17 28.21 1.34
N LYS D 24 8.02 27.00 0.80
CA LYS D 24 7.72 25.80 1.58
C LYS D 24 6.46 25.92 2.44
N CYS D 25 5.52 26.76 1.99
CA CYS D 25 4.26 26.96 2.71
C CYS D 25 3.04 26.75 1.81
N PRO D 26 2.86 25.51 1.31
CA PRO D 26 1.71 25.23 0.43
C PRO D 26 0.38 25.47 1.14
N LEU D 27 0.40 25.43 2.47
CA LEU D 27 -0.82 25.64 3.22
C LEU D 27 -1.50 26.99 2.90
N ILE D 28 -0.68 27.99 2.57
CA ILE D 28 -1.19 29.33 2.29
C ILE D 28 -2.00 29.33 0.99
N SER D 29 -1.40 28.80 -0.09
CA SER D 29 -2.10 28.61 -1.35
C SER D 29 -3.33 27.73 -1.16
N ALA D 30 -3.18 26.66 -0.40
CA ALA D 30 -4.26 25.72 -0.15
C ALA D 30 -5.44 26.42 0.51
N ALA D 31 -5.14 27.29 1.48
CA ALA D 31 -6.17 28.00 2.23
C ALA D 31 -6.95 28.95 1.35
N ILE D 32 -6.27 29.75 0.54
CA ILE D 32 -6.94 30.83 -0.19
C ILE D 32 -7.88 30.29 -1.27
N TRP D 33 -7.67 29.06 -1.68
CA TRP D 33 -8.54 28.42 -2.65
C TRP D 33 -10.00 28.43 -2.16
N SER D 34 -10.18 28.53 -0.85
CA SER D 34 -11.52 28.60 -0.26
C SER D 34 -12.28 29.88 -0.63
N TYR D 35 -11.55 30.90 -1.07
CA TYR D 35 -12.15 32.19 -1.39
C TYR D 35 -12.43 32.42 -2.87
N ARG D 36 -12.28 31.38 -3.67
CA ARG D 36 -12.53 31.50 -5.11
C ARG D 36 -14.04 31.65 -5.34
N PRO D 37 -14.46 32.25 -6.48
CA PRO D 37 -13.62 32.73 -7.56
C PRO D 37 -12.92 34.05 -7.22
N PHE D 38 -11.74 34.23 -7.81
CA PHE D 38 -10.99 35.44 -7.65
C PHE D 38 -11.34 36.40 -8.77
N LYS D 39 -11.37 37.69 -8.45
CA LYS D 39 -11.58 38.75 -9.44
C LYS D 39 -10.42 38.80 -10.44
N ASP D 40 -9.20 38.77 -9.90
CA ASP D 40 -7.98 38.98 -10.68
C ASP D 40 -6.78 38.58 -9.81
N LEU D 41 -5.58 38.80 -10.33
CA LEU D 41 -4.36 38.45 -9.57
C LEU D 41 -4.24 39.25 -8.29
N ALA D 42 -4.70 40.51 -8.32
CA ALA D 42 -4.65 41.33 -7.13
C ALA D 42 -5.52 40.76 -6.02
N ASP D 43 -6.64 40.13 -6.38
CA ASP D 43 -7.52 39.49 -5.41
C ASP D 43 -6.78 38.35 -4.71
N ILE D 44 -6.11 37.51 -5.49
CA ILE D 44 -5.27 36.42 -4.93
C ILE D 44 -4.21 36.99 -3.99
N GLU D 45 -3.50 38.02 -4.41
CA GLU D 45 -2.48 38.65 -3.54
C GLU D 45 -3.09 39.18 -2.26
N ALA D 46 -4.24 39.84 -2.37
CA ALA D 46 -4.93 40.35 -1.21
C ALA D 46 -5.26 39.24 -0.23
N ARG D 47 -5.75 38.14 -0.77
CA ARG D 47 -6.19 37.04 0.06
C ARG D 47 -5.00 36.45 0.82
N ILE D 48 -3.88 36.29 0.11
CA ILE D 48 -2.64 35.79 0.70
C ILE D 48 -2.18 36.73 1.82
N SER D 49 -2.12 38.03 1.53
CA SER D 49 -1.75 39.03 2.54
C SER D 49 -2.66 38.98 3.79
N GLU D 50 -3.96 38.81 3.56
CA GLU D 50 -4.95 38.86 4.60
C GLU D 50 -4.84 37.60 5.47
N PHE D 51 -4.59 36.47 4.82
CA PHE D 51 -4.38 35.20 5.54
C PHE D 51 -3.16 35.27 6.45
N ILE D 52 -2.04 35.67 5.86
CA ILE D 52 -0.80 35.85 6.65
C ILE D 52 -1.04 36.78 7.87
N HIS D 53 -1.70 37.91 7.62
CA HIS D 53 -1.93 38.87 8.69
C HIS D 53 -2.77 38.31 9.82
N SER D 54 -3.62 37.35 9.49
CA SER D 54 -4.52 36.75 10.48
C SER D 54 -3.80 35.78 11.41
N LEU D 55 -2.59 35.37 11.05
CA LEU D 55 -1.88 34.38 11.85
C LEU D 55 -1.39 34.98 13.16
N PRO D 56 -1.20 34.13 14.19
CA PRO D 56 -0.52 34.65 15.39
C PRO D 56 0.91 35.02 15.01
N ASP D 57 1.58 35.81 15.84
CA ASP D 57 2.98 36.18 15.54
C ASP D 57 3.83 34.92 15.29
N SER D 58 3.55 33.86 16.04
CA SER D 58 4.30 32.61 15.90
C SER D 58 4.14 32.04 14.50
N GLY D 59 2.98 32.22 13.89
CA GLY D 59 2.74 31.75 12.53
C GLY D 59 3.57 32.56 11.52
N LYS D 60 3.65 33.87 11.74
CA LYS D 60 4.47 34.72 10.88
C LYS D 60 5.96 34.32 11.02
N GLU D 61 6.40 34.08 12.24
CA GLU D 61 7.76 33.59 12.45
C GLU D 61 7.97 32.21 11.82
N GLY D 62 6.96 31.34 11.97
CA GLY D 62 7.01 30.02 11.34
C GLY D 62 7.27 30.12 9.85
N ILE D 63 6.53 31.00 9.15
CA ILE D 63 6.74 31.22 7.72
C ILE D 63 8.20 31.59 7.44
N LEU D 64 8.73 32.54 8.23
CA LEU D 64 10.12 32.98 8.06
C LEU D 64 11.08 31.81 8.23
N ARG D 65 10.84 31.00 9.25
CA ARG D 65 11.66 29.82 9.52
C ARG D 65 11.61 28.72 8.48
N CYS D 66 10.65 28.78 7.56
CA CYS D 66 10.63 27.87 6.40
C CYS D 66 11.54 28.34 5.26
N HIS D 67 12.12 29.55 5.39
CA HIS D 67 13.00 30.10 4.36
C HIS D 67 14.47 29.67 4.62
N PRO D 68 15.22 29.39 3.57
CA PRO D 68 16.65 29.05 3.72
C PRO D 68 17.50 30.33 3.84
N ASP D 69 18.61 30.25 4.55
CA ASP D 69 19.57 31.36 4.62
C ASP D 69 20.11 31.72 3.23
N LEU D 70 20.36 33.01 3.02
CA LEU D 70 21.06 33.45 1.83
C LEU D 70 22.46 32.90 1.89
N ALA D 71 22.85 32.16 0.86
CA ALA D 71 24.20 31.56 0.74
C ALA D 71 24.53 30.58 1.87
N GLY D 72 23.49 30.01 2.46
CA GLY D 72 23.67 29.06 3.56
C GLY D 72 23.78 27.61 3.13
N ARG D 73 23.50 26.71 4.07
CA ARG D 73 23.62 25.27 3.91
C ARG D 73 22.97 24.73 2.64
N ASP D 74 21.71 25.11 2.40
CA ASP D 74 20.97 24.57 1.26
C ASP D 74 21.48 25.09 -0.08
N LEU D 75 21.94 26.33 -0.11
CA LEU D 75 22.55 26.84 -1.33
C LEU D 75 23.84 26.05 -1.63
N GLN D 76 24.68 25.88 -0.62
CA GLN D 76 25.95 25.17 -0.80
C GLN D 76 25.78 23.70 -1.17
N SER D 77 24.65 23.10 -0.78
CA SER D 77 24.40 21.68 -1.05
C SER D 77 23.52 21.42 -2.27
N GLY D 78 23.07 22.49 -2.91
CA GLY D 78 22.21 22.39 -4.09
C GLY D 78 20.80 21.89 -3.78
N THR D 79 20.30 22.24 -2.60
CA THR D 79 18.99 21.75 -2.14
C THR D 79 17.93 22.85 -1.96
N LEU D 80 18.13 23.99 -2.62
CA LEU D 80 17.09 25.02 -2.64
C LEU D 80 15.90 24.62 -3.52
N THR D 81 14.72 25.18 -3.25
CA THR D 81 13.63 25.10 -4.19
C THR D 81 14.09 25.77 -5.49
N PRO D 82 13.48 25.41 -6.62
CA PRO D 82 13.89 26.03 -7.87
C PRO D 82 13.79 27.57 -7.82
N GLU D 83 12.72 28.08 -7.23
CA GLU D 83 12.56 29.54 -7.06
C GLU D 83 13.69 30.15 -6.23
N SER D 84 14.00 29.56 -5.08
CA SER D 84 15.07 30.09 -4.26
C SER D 84 16.44 30.01 -4.95
N GLN D 85 16.68 28.95 -5.71
CA GLN D 85 17.96 28.82 -6.42
C GLN D 85 18.10 29.97 -7.42
N GLU D 86 17.03 30.27 -8.13
CA GLU D 86 17.02 31.33 -9.14
C GLU D 86 17.20 32.72 -8.52
N GLU D 87 16.44 32.98 -7.45
CA GLU D 87 16.50 34.26 -6.76
C GLU D 87 17.88 34.48 -6.16
N GLN D 88 18.42 33.46 -5.47
CA GLN D 88 19.69 33.65 -4.80
C GLN D 88 20.83 33.82 -5.81
N SER D 89 20.73 33.15 -6.95
CA SER D 89 21.75 33.28 -7.99
C SER D 89 21.64 34.66 -8.63
N GLN D 90 20.41 35.12 -8.88
CA GLN D 90 20.22 36.47 -9.42
C GLN D 90 20.88 37.52 -8.52
N ALA D 91 20.83 37.30 -7.21
CA ALA D 91 21.34 38.27 -6.25
C ALA D 91 22.82 38.13 -5.91
N GLY D 92 23.52 37.21 -6.57
CA GLY D 92 24.97 37.10 -6.40
C GLY D 92 25.48 36.07 -5.40
N MET D 93 24.58 35.28 -4.83
CA MET D 93 24.92 34.35 -3.74
C MET D 93 25.64 33.05 -4.19
N THR D 94 25.63 32.75 -5.48
CA THR D 94 26.27 31.52 -5.97
C THR D 94 27.77 31.68 -6.32
N THR D 95 28.24 32.92 -6.42
CA THR D 95 29.63 33.16 -6.84
C THR D 95 30.47 33.87 -5.79
N LEU D 96 30.17 33.61 -4.53
CA LEU D 96 30.93 34.20 -3.43
C LEU D 96 32.24 33.47 -3.27
N ASP D 97 33.28 34.21 -2.90
CA ASP D 97 34.55 33.59 -2.51
C ASP D 97 34.45 33.12 -1.07
N SER D 98 35.54 32.54 -0.55
CA SER D 98 35.52 31.96 0.78
C SER D 98 35.27 32.95 1.92
N ALA D 99 35.91 34.12 1.85
CA ALA D 99 35.72 35.14 2.89
C ALA D 99 34.27 35.62 2.91
N GLU D 100 33.68 35.75 1.73
CA GLU D 100 32.30 36.22 1.60
C GLU D 100 31.30 35.20 2.14
N ILE D 101 31.55 33.93 1.84
CA ILE D 101 30.74 32.85 2.41
C ILE D 101 30.73 32.92 3.93
N VAL D 102 31.91 33.07 4.52
CA VAL D 102 32.00 33.17 5.97
C VAL D 102 31.37 34.48 6.49
N HIS D 103 31.52 35.55 5.71
CA HIS D 103 30.88 36.83 6.04
C HIS D 103 29.35 36.64 6.11
N MET D 104 28.78 36.05 5.08
CA MET D 104 27.32 35.76 5.07
C MET D 104 26.91 34.86 6.24
N TYR D 105 27.76 33.88 6.56
CA TYR D 105 27.52 33.04 7.73
C TYR D 105 27.45 33.85 9.02
N ARG D 106 28.42 34.73 9.26
CA ARG D 106 28.46 35.47 10.52
C ARG D 106 27.30 36.47 10.61
N LEU D 107 26.96 37.09 9.49
CA LEU D 107 25.87 38.06 9.42
C LEU D 107 24.54 37.35 9.69
N ASN D 108 24.36 36.22 9.03
CA ASN D 108 23.17 35.38 9.27
C ASN D 108 23.10 34.89 10.71
N SER D 109 24.23 34.44 11.25
CA SER D 109 24.27 33.94 12.62
C SER D 109 23.87 35.00 13.64
N GLU D 110 24.35 36.22 13.45
CA GLU D 110 24.01 37.28 14.39
C GLU D 110 22.54 37.63 14.30
N TYR D 111 22.03 37.72 13.08
CA TYR D 111 20.63 38.08 12.89
C TYR D 111 19.73 36.99 13.51
N LYS D 112 19.99 35.73 13.16
CA LYS D 112 19.09 34.66 13.63
C LYS D 112 19.16 34.48 15.14
N GLU D 113 20.31 34.79 15.75
CA GLU D 113 20.42 34.73 17.20
C GLU D 113 19.61 35.83 17.90
N ARG D 114 19.57 37.01 17.31
CA ARG D 114 18.82 38.14 17.87
C ARG D 114 17.30 37.94 17.73
N PHE D 115 16.87 37.49 16.55
CA PHE D 115 15.43 37.51 16.21
C PHE D 115 14.73 36.17 16.29
N GLY D 116 15.50 35.10 16.21
CA GLY D 116 15.01 33.71 16.25
C GLY D 116 14.24 33.26 15.01
N PHE D 117 14.58 33.88 13.88
CA PHE D 117 14.19 33.41 12.56
C PHE D 117 15.20 33.89 11.52
N PRO D 118 15.15 33.34 10.29
CA PRO D 118 16.15 33.73 9.28
C PRO D 118 15.94 35.13 8.77
N PHE D 119 17.04 35.72 8.32
CA PHE D 119 17.00 36.92 7.48
C PHE D 119 16.41 36.60 6.11
N VAL D 120 15.27 37.23 5.82
CA VAL D 120 14.58 37.09 4.58
C VAL D 120 14.53 38.46 3.90
N ILE D 121 14.79 38.45 2.59
CA ILE D 121 14.73 39.66 1.76
C ILE D 121 14.26 39.26 0.37
N CYS D 122 13.67 40.20 -0.36
CA CYS D 122 13.27 39.93 -1.71
C CYS D 122 14.50 40.00 -2.62
N ALA D 123 15.18 38.88 -2.80
CA ALA D 123 16.46 38.84 -3.51
C ALA D 123 16.39 39.37 -4.95
N ARG D 124 15.25 39.23 -5.60
CA ARG D 124 15.13 39.70 -6.98
C ARG D 124 15.13 41.23 -7.10
N LEU D 125 14.92 41.92 -5.99
CA LEU D 125 14.93 43.38 -5.97
C LEU D 125 16.20 43.94 -5.32
N ASN D 126 17.12 43.06 -4.98
CA ASN D 126 18.35 43.49 -4.32
C ASN D 126 19.58 42.84 -4.93
N ASN D 127 20.71 43.52 -4.80
CA ASN D 127 21.98 42.93 -5.22
C ASN D 127 22.79 42.59 -3.98
N LYS D 128 23.99 42.06 -4.16
CA LYS D 128 24.82 41.63 -3.06
C LYS D 128 25.06 42.71 -2.00
N ALA D 129 25.38 43.94 -2.44
CA ALA D 129 25.71 45.01 -1.50
C ALA D 129 24.49 45.43 -0.69
N ASP D 130 23.35 45.47 -1.37
CA ASP D 130 22.05 45.72 -0.74
C ASP D 130 21.78 44.71 0.38
N ILE D 131 22.06 43.44 0.10
CA ILE D 131 21.87 42.37 1.08
C ILE D 131 22.73 42.53 2.32
N VAL D 132 24.04 42.71 2.10
CA VAL D 132 24.97 42.92 3.20
C VAL D 132 24.55 44.12 4.04
N ARG D 133 24.11 45.20 3.40
CA ARG D 133 23.70 46.40 4.12
C ARG D 133 22.47 46.13 4.97
N GLN D 134 21.48 45.50 4.36
CA GLN D 134 20.21 45.22 5.04
C GLN D 134 20.39 44.22 6.18
N LEU D 135 21.33 43.28 6.04
CA LEU D 135 21.65 42.37 7.15
C LEU D 135 22.19 43.11 8.37
N SER D 136 22.97 44.16 8.16
CA SER D 136 23.49 44.93 9.27
C SER D 136 22.48 45.96 9.77
N GLU D 137 21.74 46.57 8.85
CA GLU D 137 20.80 47.63 9.23
C GLU D 137 19.60 47.04 9.97
N ARG D 138 19.04 45.96 9.43
CA ARG D 138 17.87 45.36 10.09
C ARG D 138 18.18 44.79 11.46
N LEU D 139 19.45 44.44 11.67
CA LEU D 139 19.90 43.97 12.96
C LEU D 139 19.61 44.99 14.06
N LYS D 140 19.47 46.26 13.70
CA LYS D 140 19.21 47.33 14.69
C LYS D 140 17.72 47.48 15.08
N ASN D 141 16.84 46.82 14.34
CA ASN D 141 15.42 46.92 14.60
C ASN D 141 14.97 46.23 15.87
N ARG D 142 13.88 46.71 16.43
CA ARG D 142 13.28 46.06 17.59
C ARG D 142 12.53 44.83 17.11
N ARG D 143 12.34 43.86 18.00
CA ARG D 143 11.72 42.59 17.64
C ARG D 143 10.40 42.73 16.86
N THR D 144 9.46 43.51 17.38
CA THR D 144 8.14 43.57 16.76
C THR D 144 8.20 44.24 15.38
N ALA D 145 8.94 45.34 15.29
CA ALA D 145 9.14 46.01 14.00
C ALA D 145 9.80 45.11 12.96
N GLU D 146 10.77 44.30 13.40
CA GLU D 146 11.49 43.44 12.46
C GLU D 146 10.60 42.34 11.87
N LEU D 147 9.77 41.72 12.72
CA LEU D 147 8.80 40.75 12.20
C LEU D 147 7.96 41.33 11.07
N GLU D 148 7.47 42.55 11.25
CA GLU D 148 6.72 43.25 10.21
C GLU D 148 7.54 43.44 8.93
N CYS D 149 8.74 44.00 9.08
CA CYS D 149 9.68 44.14 7.97
C CYS D 149 9.90 42.84 7.16
N ALA D 150 10.20 41.77 7.88
CA ALA D 150 10.48 40.47 7.27
C ALA D 150 9.27 39.92 6.54
N ILE D 151 8.10 40.00 7.17
CA ILE D 151 6.87 39.54 6.51
C ILE D 151 6.58 40.34 5.23
N GLU D 152 6.89 41.64 5.23
CA GLU D 152 6.76 42.44 4.02
C GLU D 152 7.66 41.92 2.89
N GLU D 153 8.87 41.48 3.24
CA GLU D 153 9.77 40.87 2.25
C GLU D 153 9.17 39.57 1.69
N VAL D 154 8.61 38.75 2.58
CA VAL D 154 7.93 37.52 2.13
C VAL D 154 6.84 37.85 1.11
N LYS D 155 6.06 38.90 1.37
CA LYS D 155 4.97 39.24 0.50
C LYS D 155 5.46 39.79 -0.85
N LYS D 156 6.61 40.46 -0.84
CA LYS D 156 7.24 40.87 -2.10
C LYS D 156 7.69 39.66 -2.90
N ILE D 157 8.35 38.72 -2.22
CA ILE D 157 8.78 37.47 -2.87
C ILE D 157 7.58 36.76 -3.49
N CYS D 158 6.48 36.70 -2.73
CA CYS D 158 5.25 36.09 -3.18
C CYS D 158 4.71 36.77 -4.46
N SER D 159 4.67 38.10 -4.46
CA SER D 159 4.18 38.85 -5.62
C SER D 159 4.93 38.50 -6.90
N LEU D 160 6.26 38.44 -6.81
CA LEU D 160 7.10 38.11 -7.95
C LEU D 160 6.90 36.67 -8.42
N ARG D 161 6.82 35.74 -7.47
CA ARG D 161 6.55 34.34 -7.82
C ARG D 161 5.17 34.17 -8.46
N LEU D 162 4.16 34.88 -7.96
CA LEU D 162 2.85 34.87 -8.58
C LEU D 162 2.91 35.33 -10.04
N HIS D 163 3.69 36.38 -10.27
CA HIS D 163 3.78 37.00 -11.58
C HIS D 163 4.64 36.19 -12.55
N SER D 164 5.55 35.39 -12.01
CA SER D 164 6.35 34.43 -12.79
C SER D 164 5.49 33.25 -13.20
N ILE D 165 4.46 32.99 -12.40
CA ILE D 165 3.26 32.25 -12.82
C ILE D 165 2.81 31.08 -11.95
N ASP E 2 13.23 -4.18 -53.80
CA ASP E 2 14.70 -3.89 -53.72
C ASP E 2 15.17 -3.96 -52.26
N ILE E 3 15.80 -5.06 -51.88
CA ILE E 3 16.26 -5.25 -50.49
C ILE E 3 17.23 -4.17 -50.00
N ASN E 4 17.97 -3.55 -50.92
CA ASN E 4 18.87 -2.47 -50.54
C ASN E 4 18.12 -1.31 -49.92
N VAL E 5 16.98 -0.94 -50.52
CA VAL E 5 16.16 0.14 -50.00
C VAL E 5 15.49 -0.28 -48.69
N VAL E 6 14.94 -1.50 -48.66
CA VAL E 6 14.41 -2.04 -47.42
C VAL E 6 15.44 -1.92 -46.31
N ASN E 7 16.66 -2.38 -46.59
CA ASN E 7 17.77 -2.37 -45.65
C ASN E 7 18.18 -0.98 -45.13
N ALA E 8 17.79 0.09 -45.83
CA ALA E 8 18.17 1.42 -45.38
C ALA E 8 17.00 2.16 -44.73
N LEU E 9 15.84 1.51 -44.68
CA LEU E 9 14.67 2.12 -44.05
C LEU E 9 14.90 2.36 -42.56
N ALA E 10 14.51 3.55 -42.11
CA ALA E 10 14.35 3.85 -40.68
C ALA E 10 13.34 2.87 -40.08
N TYR E 11 13.49 2.47 -38.82
CA TYR E 11 12.50 1.52 -38.23
C TYR E 11 11.05 1.99 -38.37
N GLU E 12 10.80 3.30 -38.30
CA GLU E 12 9.41 3.77 -38.38
C GLU E 12 8.80 3.45 -39.73
N ASP E 13 9.59 3.59 -40.79
CA ASP E 13 9.09 3.32 -42.13
C ASP E 13 8.97 1.82 -42.37
N PHE E 14 9.92 1.06 -41.83
CA PHE E 14 9.86 -0.39 -41.87
C PHE E 14 8.59 -0.91 -41.18
N VAL E 15 8.27 -0.39 -40.00
CA VAL E 15 7.07 -0.77 -39.28
C VAL E 15 5.80 -0.38 -40.05
N LYS E 16 5.81 0.81 -40.66
CA LYS E 16 4.67 1.24 -41.47
C LYS E 16 4.42 0.32 -42.68
N LEU E 17 5.49 -0.13 -43.30
CA LEU E 17 5.37 -0.92 -44.51
C LEU E 17 5.08 -2.38 -44.21
N PHE E 18 5.80 -2.93 -43.24
CA PHE E 18 5.73 -4.35 -42.91
C PHE E 18 4.83 -4.69 -41.71
N GLY E 19 4.29 -3.65 -41.07
CA GLY E 19 3.55 -3.77 -39.81
C GLY E 19 2.34 -4.69 -39.76
N ASN E 20 1.76 -5.02 -40.92
CA ASN E 20 0.61 -5.93 -40.93
C ASN E 20 0.85 -7.24 -41.71
N VAL E 21 2.10 -7.63 -41.90
CA VAL E 21 2.31 -8.92 -42.57
C VAL E 21 1.88 -10.12 -41.70
N VAL E 22 1.91 -9.93 -40.37
CA VAL E 22 1.20 -10.82 -39.45
C VAL E 22 0.07 -9.99 -38.82
N GLU E 23 -1.15 -10.39 -39.08
CA GLU E 23 -2.36 -9.62 -38.79
C GLU E 23 -2.40 -9.04 -37.37
N LYS E 24 -2.46 -7.71 -37.31
CA LYS E 24 -2.52 -6.97 -36.05
C LYS E 24 -1.39 -7.26 -35.08
N CYS E 25 -0.27 -7.76 -35.60
CA CYS E 25 0.92 -7.99 -34.80
C CYS E 25 2.15 -7.26 -35.33
N PRO E 26 2.10 -5.90 -35.33
CA PRO E 26 3.27 -5.17 -35.82
C PRO E 26 4.52 -5.37 -35.00
N LEU E 27 4.38 -5.80 -33.75
CA LEU E 27 5.55 -6.11 -32.90
C LEU E 27 6.48 -7.18 -33.50
N ILE E 28 5.91 -8.14 -34.22
CA ILE E 28 6.71 -9.21 -34.84
C ILE E 28 7.59 -8.68 -35.98
N SER E 29 7.02 -7.92 -36.89
CA SER E 29 7.81 -7.32 -37.98
C SER E 29 8.73 -6.23 -37.45
N ALA E 30 8.24 -5.46 -36.49
CA ALA E 30 9.10 -4.48 -35.80
C ALA E 30 10.35 -5.17 -35.24
N ALA E 31 10.17 -6.36 -34.65
CA ALA E 31 11.26 -7.07 -34.01
C ALA E 31 12.34 -7.42 -35.03
N ILE E 32 11.92 -7.93 -36.18
CA ILE E 32 12.86 -8.44 -37.19
C ILE E 32 13.83 -7.38 -37.73
N TRP E 33 13.45 -6.11 -37.59
CA TRP E 33 14.29 -5.03 -38.05
C TRP E 33 15.65 -5.03 -37.33
N SER E 34 15.68 -5.64 -36.15
CA SER E 34 16.93 -5.78 -35.41
C SER E 34 17.95 -6.66 -36.12
N TYR E 35 17.50 -7.43 -37.12
CA TYR E 35 18.37 -8.41 -37.79
C TYR E 35 18.89 -7.96 -39.15
N ARG E 36 18.53 -6.74 -39.57
CA ARG E 36 19.04 -6.18 -40.82
C ARG E 36 20.58 -6.07 -40.73
N PRO E 37 21.27 -6.01 -41.89
CA PRO E 37 20.71 -6.05 -43.23
C PRO E 37 20.26 -7.46 -43.62
N PHE E 38 19.26 -7.53 -44.49
CA PHE E 38 18.73 -8.80 -44.94
C PHE E 38 19.31 -9.13 -46.31
N LYS E 39 19.46 -10.43 -46.57
CA LYS E 39 19.97 -10.92 -47.85
C LYS E 39 18.97 -10.63 -48.96
N ASP E 40 17.70 -10.84 -48.67
CA ASP E 40 16.62 -10.70 -49.64
C ASP E 40 15.30 -10.89 -48.90
N LEU E 41 14.21 -10.96 -49.66
CA LEU E 41 12.89 -11.08 -49.09
C LEU E 41 12.68 -12.41 -48.36
N ALA E 42 13.25 -13.50 -48.89
CA ALA E 42 13.22 -14.77 -48.20
C ALA E 42 13.87 -14.74 -46.81
N ASP E 43 14.94 -13.95 -46.66
CA ASP E 43 15.61 -13.78 -45.37
C ASP E 43 14.64 -13.21 -44.33
N ILE E 44 13.90 -12.16 -44.70
CA ILE E 44 12.88 -11.57 -43.82
C ILE E 44 11.84 -12.62 -43.42
N GLU E 45 11.34 -13.31 -44.43
CA GLU E 45 10.37 -14.37 -44.27
C GLU E 45 10.85 -15.40 -43.26
N ALA E 46 12.11 -15.83 -43.36
CA ALA E 46 12.66 -16.82 -42.45
C ALA E 46 12.74 -16.31 -41.01
N ARG E 47 13.14 -15.04 -40.85
CA ARG E 47 13.29 -14.46 -39.52
C ARG E 47 11.95 -14.36 -38.82
N ILE E 48 10.92 -14.03 -39.58
CA ILE E 48 9.56 -13.95 -39.02
C ILE E 48 9.08 -15.31 -38.56
N SER E 49 9.26 -16.32 -39.41
CA SER E 49 8.90 -17.70 -39.06
C SER E 49 9.66 -18.16 -37.82
N GLU E 50 10.95 -17.83 -37.78
CA GLU E 50 11.83 -18.14 -36.67
C GLU E 50 11.34 -17.49 -35.38
N PHE E 51 10.92 -16.24 -35.49
CA PHE E 51 10.43 -15.47 -34.35
C PHE E 51 9.15 -16.10 -33.82
N ILE E 52 8.20 -16.40 -34.70
CA ILE E 52 6.95 -17.05 -34.30
C ILE E 52 7.24 -18.41 -33.61
N HIS E 53 8.12 -19.20 -34.21
CA HIS E 53 8.45 -20.52 -33.67
C HIS E 53 9.01 -20.43 -32.25
N SER E 54 9.77 -19.36 -31.95
CA SER E 54 10.41 -19.19 -30.64
C SER E 54 9.41 -18.84 -29.52
N LEU E 55 8.23 -18.38 -29.91
CA LEU E 55 7.22 -17.92 -28.96
C LEU E 55 6.65 -19.06 -28.14
N PRO E 56 6.24 -18.77 -26.90
CA PRO E 56 5.60 -19.85 -26.15
C PRO E 56 4.26 -20.13 -26.80
N ASP E 57 3.68 -21.28 -26.49
CA ASP E 57 2.41 -21.67 -27.09
C ASP E 57 1.32 -20.61 -26.90
N SER E 58 1.29 -19.96 -25.73
CA SER E 58 0.30 -18.89 -25.50
C SER E 58 0.49 -17.77 -26.51
N GLY E 59 1.74 -17.51 -26.88
CA GLY E 59 2.02 -16.45 -27.87
C GLY E 59 1.49 -16.85 -29.24
N LYS E 60 1.63 -18.13 -29.59
CA LYS E 60 1.10 -18.60 -30.88
C LYS E 60 -0.42 -18.53 -30.89
N GLU E 61 -1.05 -18.97 -29.79
CA GLU E 61 -2.49 -18.82 -29.65
C GLU E 61 -2.90 -17.36 -29.71
N GLY E 62 -2.08 -16.51 -29.13
CA GLY E 62 -2.37 -15.06 -29.13
C GLY E 62 -2.37 -14.50 -30.54
N ILE E 63 -1.40 -14.91 -31.36
CA ILE E 63 -1.36 -14.49 -32.79
C ILE E 63 -2.67 -14.87 -33.50
N LEU E 64 -3.12 -16.10 -33.30
CA LEU E 64 -4.36 -16.56 -33.91
C LEU E 64 -5.53 -15.65 -33.50
N ARG E 65 -5.60 -15.34 -32.20
CA ARG E 65 -6.64 -14.49 -31.63
C ARG E 65 -6.67 -13.05 -32.15
N CYS E 66 -5.57 -12.63 -32.76
CA CYS E 66 -5.50 -11.32 -33.38
C CYS E 66 -6.13 -11.32 -34.77
N HIS E 67 -6.48 -12.50 -35.28
CA HIS E 67 -7.09 -12.60 -36.61
C HIS E 67 -8.63 -12.55 -36.50
N PRO E 68 -9.29 -11.94 -37.48
CA PRO E 68 -10.76 -11.89 -37.50
C PRO E 68 -11.37 -13.11 -38.18
N ASP E 69 -12.58 -13.46 -37.78
CA ASP E 69 -13.31 -14.57 -38.40
C ASP E 69 -13.52 -14.35 -39.90
N LEU E 70 -13.42 -15.44 -40.66
CA LEU E 70 -13.86 -15.48 -42.05
C LEU E 70 -15.35 -15.16 -42.09
N ALA E 71 -15.70 -14.10 -42.80
CA ALA E 71 -17.11 -13.72 -43.04
C ALA E 71 -17.81 -13.26 -41.76
N GLY E 72 -17.01 -12.86 -40.77
CA GLY E 72 -17.56 -12.58 -39.45
C GLY E 72 -17.96 -11.14 -39.24
N ARG E 73 -17.95 -10.71 -37.99
CA ARG E 73 -18.48 -9.41 -37.59
C ARG E 73 -17.73 -8.24 -38.21
N ASP E 74 -16.39 -8.31 -38.23
CA ASP E 74 -15.56 -7.26 -38.84
C ASP E 74 -15.76 -7.16 -40.36
N LEU E 75 -15.92 -8.30 -41.04
CA LEU E 75 -16.26 -8.29 -42.46
C LEU E 75 -17.58 -7.57 -42.70
N GLN E 76 -18.61 -7.96 -41.95
CA GLN E 76 -19.94 -7.36 -42.10
C GLN E 76 -19.93 -5.86 -41.80
N SER E 77 -19.05 -5.46 -40.88
CA SER E 77 -19.00 -4.09 -40.37
C SER E 77 -18.05 -3.21 -41.18
N GLY E 78 -17.34 -3.82 -42.13
CA GLY E 78 -16.33 -3.10 -42.91
C GLY E 78 -15.17 -2.59 -42.08
N THR E 79 -14.79 -3.33 -41.04
CA THR E 79 -13.68 -2.95 -40.16
C THR E 79 -12.52 -3.95 -40.19
N LEU E 80 -12.29 -4.57 -41.35
CA LEU E 80 -11.13 -5.41 -41.56
C LEU E 80 -9.90 -4.56 -41.89
N THR E 81 -8.72 -5.10 -41.64
CA THR E 81 -7.51 -4.48 -42.11
C THR E 81 -7.58 -4.53 -43.64
N PRO E 82 -6.83 -3.66 -44.32
CA PRO E 82 -6.88 -3.67 -45.78
C PRO E 82 -6.54 -5.03 -46.37
N GLU E 83 -5.49 -5.67 -45.85
CA GLU E 83 -5.09 -7.00 -46.31
C GLU E 83 -6.17 -8.07 -46.12
N SER E 84 -6.79 -8.12 -44.94
CA SER E 84 -7.83 -9.10 -44.66
C SER E 84 -9.08 -8.86 -45.50
N GLN E 85 -9.39 -7.60 -45.76
CA GLN E 85 -10.56 -7.32 -46.61
C GLN E 85 -10.31 -7.88 -48.02
N GLU E 86 -9.13 -7.62 -48.56
CA GLU E 86 -8.78 -8.09 -49.91
C GLU E 86 -8.68 -9.61 -50.01
N GLU E 87 -8.15 -10.25 -48.99
CA GLU E 87 -8.00 -11.70 -48.95
C GLU E 87 -9.37 -12.35 -48.82
N GLN E 88 -10.19 -11.83 -47.91
CA GLN E 88 -11.52 -12.41 -47.67
C GLN E 88 -12.42 -12.23 -48.89
N SER E 89 -12.30 -11.09 -49.57
CA SER E 89 -13.05 -10.87 -50.81
C SER E 89 -12.64 -11.86 -51.91
N GLN E 90 -11.32 -12.05 -52.07
CA GLN E 90 -10.80 -12.98 -53.06
C GLN E 90 -11.27 -14.42 -52.81
N ALA E 91 -11.44 -14.78 -51.55
CA ALA E 91 -11.91 -16.12 -51.20
C ALA E 91 -13.44 -16.24 -51.26
N GLY E 92 -14.11 -15.14 -51.61
CA GLY E 92 -15.55 -15.17 -51.84
C GLY E 92 -16.40 -14.91 -50.60
N MET E 93 -15.79 -14.38 -49.55
CA MET E 93 -16.50 -14.16 -48.29
C MET E 93 -17.42 -12.95 -48.31
N THR E 94 -17.26 -12.07 -49.30
CA THR E 94 -18.07 -10.86 -49.37
C THR E 94 -19.31 -11.00 -50.25
N THR E 95 -19.42 -12.14 -50.94
CA THR E 95 -20.55 -12.39 -51.83
C THR E 95 -21.33 -13.62 -51.40
N LEU E 96 -21.38 -13.85 -50.09
CA LEU E 96 -22.11 -14.99 -49.54
C LEU E 96 -23.58 -14.64 -49.44
N ASP E 97 -24.47 -15.63 -49.47
CA ASP E 97 -25.89 -15.36 -49.24
C ASP E 97 -26.24 -15.48 -47.76
N SER E 98 -27.52 -15.33 -47.43
CA SER E 98 -27.97 -15.39 -46.04
C SER E 98 -27.58 -16.72 -45.40
N ALA E 99 -27.84 -17.80 -46.13
CA ALA E 99 -27.55 -19.15 -45.67
C ALA E 99 -26.06 -19.46 -45.46
N GLU E 100 -25.23 -19.00 -46.39
CA GLU E 100 -23.79 -19.28 -46.32
C GLU E 100 -23.20 -18.57 -45.11
N ILE E 101 -23.70 -17.36 -44.85
CA ILE E 101 -23.27 -16.57 -43.70
C ILE E 101 -23.60 -17.29 -42.40
N VAL E 102 -24.68 -18.08 -42.43
CA VAL E 102 -25.09 -18.79 -41.23
C VAL E 102 -24.25 -20.04 -41.02
N HIS E 103 -23.99 -20.75 -42.12
CA HIS E 103 -23.12 -21.91 -42.08
C HIS E 103 -21.74 -21.49 -41.57
N MET E 104 -21.25 -20.34 -42.02
CA MET E 104 -19.93 -19.82 -41.59
C MET E 104 -19.94 -19.38 -40.13
N TYR E 105 -21.02 -18.74 -39.71
CA TYR E 105 -21.17 -18.37 -38.30
C TYR E 105 -21.09 -19.60 -37.39
N ARG E 106 -21.83 -20.65 -37.76
CA ARG E 106 -21.92 -21.86 -36.95
C ARG E 106 -20.63 -22.66 -36.95
N LEU E 107 -19.96 -22.73 -38.10
CA LEU E 107 -18.70 -23.44 -38.21
C LEU E 107 -17.64 -22.71 -37.37
N ASN E 108 -17.57 -21.40 -37.55
CA ASN E 108 -16.67 -20.55 -36.74
C ASN E 108 -16.94 -20.66 -35.25
N SER E 109 -18.21 -20.56 -34.86
CA SER E 109 -18.58 -20.66 -33.46
C SER E 109 -18.16 -22.00 -32.83
N GLU E 110 -18.39 -23.10 -33.56
CA GLU E 110 -17.96 -24.42 -33.09
C GLU E 110 -16.44 -24.54 -32.96
N TYR E 111 -15.72 -24.02 -33.96
CA TYR E 111 -14.27 -24.06 -33.94
C TYR E 111 -13.68 -23.34 -32.72
N LYS E 112 -14.10 -22.09 -32.52
CA LYS E 112 -13.50 -21.23 -31.49
C LYS E 112 -13.90 -21.71 -30.09
N GLU E 113 -15.08 -22.31 -29.98
CA GLU E 113 -15.48 -22.91 -28.74
C GLU E 113 -14.61 -24.10 -28.42
N ARG E 114 -14.29 -24.88 -29.46
CA ARG E 114 -13.48 -26.09 -29.29
C ARG E 114 -12.03 -25.79 -28.97
N PHE E 115 -11.45 -24.81 -29.67
CA PHE E 115 -10.01 -24.57 -29.56
C PHE E 115 -9.62 -23.38 -28.70
N GLY E 116 -10.49 -22.38 -28.60
CA GLY E 116 -10.16 -21.15 -27.86
C GLY E 116 -9.32 -20.15 -28.70
N PHE E 117 -9.45 -20.26 -30.00
CA PHE E 117 -8.84 -19.29 -30.94
C PHE E 117 -9.59 -19.37 -32.26
N PRO E 118 -9.50 -18.31 -33.10
CA PRO E 118 -10.25 -18.32 -34.36
C PRO E 118 -9.68 -19.30 -35.38
N PHE E 119 -10.56 -19.72 -36.29
CA PHE E 119 -10.15 -20.48 -37.48
C PHE E 119 -9.37 -19.58 -38.45
N VAL E 120 -8.11 -19.93 -38.66
CA VAL E 120 -7.25 -19.15 -39.56
C VAL E 120 -6.82 -20.00 -40.73
N ILE E 121 -6.95 -19.46 -41.94
CA ILE E 121 -6.51 -20.14 -43.15
C ILE E 121 -5.95 -19.12 -44.15
N CYS E 122 -5.07 -19.56 -45.04
CA CYS E 122 -4.56 -18.66 -46.06
C CYS E 122 -5.60 -18.48 -47.15
N ALA E 123 -6.40 -17.43 -47.03
CA ALA E 123 -7.54 -17.20 -47.94
C ALA E 123 -7.09 -17.10 -49.39
N ARG E 124 -5.94 -16.48 -49.64
CA ARG E 124 -5.49 -16.29 -51.01
C ARG E 124 -5.18 -17.61 -51.73
N LEU E 125 -4.94 -18.66 -50.97
CA LEU E 125 -4.69 -19.98 -51.56
C LEU E 125 -5.92 -20.86 -51.63
N ASN E 126 -7.05 -20.33 -51.19
CA ASN E 126 -8.27 -21.12 -51.08
C ASN E 126 -9.51 -20.46 -51.64
N ASN E 127 -10.44 -21.27 -52.15
CA ASN E 127 -11.74 -20.74 -52.52
C ASN E 127 -12.77 -21.06 -51.45
N LYS E 128 -14.00 -20.62 -51.66
CA LYS E 128 -15.07 -20.77 -50.67
C LYS E 128 -15.31 -22.24 -50.30
N ALA E 129 -15.15 -23.15 -51.26
CA ALA E 129 -15.37 -24.58 -51.02
C ALA E 129 -14.26 -25.19 -50.18
N ASP E 130 -13.02 -24.80 -50.47
CA ASP E 130 -11.86 -25.29 -49.74
C ASP E 130 -11.97 -24.90 -48.26
N ILE E 131 -12.47 -23.69 -48.03
CA ILE E 131 -12.58 -23.14 -46.67
C ILE E 131 -13.59 -23.93 -45.84
N VAL E 132 -14.77 -24.19 -46.40
CA VAL E 132 -15.79 -25.00 -45.73
C VAL E 132 -15.24 -26.38 -45.39
N ARG E 133 -14.55 -27.00 -46.34
CA ARG E 133 -13.98 -28.34 -46.14
C ARG E 133 -12.89 -28.32 -45.07
N GLN E 134 -12.03 -27.31 -45.14
CA GLN E 134 -10.94 -27.15 -44.16
C GLN E 134 -11.46 -26.96 -42.74
N LEU E 135 -12.51 -26.16 -42.59
CA LEU E 135 -13.11 -25.93 -41.28
C LEU E 135 -13.63 -27.24 -40.72
N SER E 136 -14.36 -27.97 -41.55
CA SER E 136 -14.96 -29.22 -41.14
C SER E 136 -13.93 -30.26 -40.74
N GLU E 137 -12.84 -30.35 -41.51
CA GLU E 137 -11.80 -31.33 -41.22
C GLU E 137 -10.90 -30.95 -40.03
N ARG E 138 -10.55 -29.68 -39.94
CA ARG E 138 -9.68 -29.23 -38.87
C ARG E 138 -10.41 -29.24 -37.53
N LEU E 139 -11.72 -29.07 -37.58
CA LEU E 139 -12.59 -29.23 -36.42
C LEU E 139 -12.40 -30.57 -35.73
N LYS E 140 -11.82 -31.55 -36.43
CA LYS E 140 -11.58 -32.86 -35.84
C LYS E 140 -10.20 -33.06 -35.21
N ASN E 141 -9.30 -32.10 -35.42
CA ASN E 141 -7.94 -32.21 -34.89
C ASN E 141 -7.92 -32.01 -33.37
N ARG E 142 -6.90 -32.56 -32.73
CA ARG E 142 -6.63 -32.23 -31.32
C ARG E 142 -5.88 -30.92 -31.31
N ARG E 143 -5.85 -30.29 -30.14
CA ARG E 143 -5.30 -28.94 -29.95
C ARG E 143 -3.87 -28.76 -30.42
N THR E 144 -3.01 -29.72 -30.11
CA THR E 144 -1.59 -29.56 -30.41
C THR E 144 -1.36 -29.53 -31.91
N ALA E 145 -2.01 -30.44 -32.63
CA ALA E 145 -1.89 -30.51 -34.09
C ALA E 145 -2.58 -29.33 -34.76
N GLU E 146 -3.72 -28.90 -34.22
CA GLU E 146 -4.43 -27.77 -34.78
C GLU E 146 -3.65 -26.48 -34.64
N LEU E 147 -3.02 -26.25 -33.48
CA LEU E 147 -2.16 -25.09 -33.29
C LEU E 147 -1.07 -25.06 -34.36
N GLU E 148 -0.43 -26.21 -34.60
CA GLU E 148 0.67 -26.30 -35.57
C GLU E 148 0.14 -25.97 -36.96
N CYS E 149 -1.01 -26.55 -37.28
CA CYS E 149 -1.70 -26.34 -38.54
C CYS E 149 -2.04 -24.87 -38.74
N ALA E 150 -2.64 -24.25 -37.70
CA ALA E 150 -3.04 -22.86 -37.78
C ALA E 150 -1.84 -21.93 -37.96
N ILE E 151 -0.74 -22.22 -37.26
CA ILE E 151 0.47 -21.40 -37.35
C ILE E 151 1.14 -21.53 -38.73
N GLU E 152 1.08 -22.70 -39.34
CA GLU E 152 1.58 -22.83 -40.72
C GLU E 152 0.77 -21.91 -41.63
N GLU E 153 -0.54 -21.85 -41.43
CA GLU E 153 -1.37 -20.96 -42.23
C GLU E 153 -0.96 -19.48 -42.05
N VAL E 154 -0.72 -19.08 -40.81
CA VAL E 154 -0.24 -17.72 -40.53
C VAL E 154 1.03 -17.41 -41.34
N LYS E 155 1.94 -18.37 -41.37
CA LYS E 155 3.21 -18.22 -42.07
C LYS E 155 2.97 -18.09 -43.59
N LYS E 156 2.00 -18.83 -44.11
CA LYS E 156 1.65 -18.71 -45.53
C LYS E 156 1.08 -17.32 -45.85
N ILE E 157 0.13 -16.85 -45.02
CA ILE E 157 -0.45 -15.50 -45.15
C ILE E 157 0.65 -14.44 -45.14
N CYS E 158 1.58 -14.56 -44.19
CA CYS E 158 2.70 -13.64 -44.06
C CYS E 158 3.56 -13.64 -45.34
N SER E 159 3.86 -14.82 -45.86
CA SER E 159 4.65 -14.93 -47.06
C SER E 159 4.00 -14.18 -48.22
N LEU E 160 2.70 -14.36 -48.41
CA LEU E 160 2.02 -13.68 -49.50
C LEU E 160 1.87 -12.18 -49.25
N ARG E 161 1.70 -11.78 -47.99
CA ARG E 161 1.61 -10.34 -47.69
C ARG E 161 2.93 -9.66 -47.98
N LEU E 162 4.03 -10.32 -47.64
CA LEU E 162 5.37 -9.82 -47.89
C LEU E 162 5.56 -9.62 -49.40
N HIS E 163 5.12 -10.59 -50.18
CA HIS E 163 5.33 -10.50 -51.63
C HIS E 163 4.44 -9.46 -52.32
N SER E 164 3.44 -8.94 -51.61
CA SER E 164 2.56 -7.91 -52.14
C SER E 164 2.99 -6.51 -51.73
N ILE E 165 4.03 -6.41 -50.92
CA ILE E 165 4.48 -5.10 -50.46
C ILE E 165 5.22 -4.36 -51.58
N MET F 1 -13.44 -3.18 -10.63
CA MET F 1 -13.90 -4.21 -11.59
C MET F 1 -13.86 -5.60 -10.95
N ASP F 2 -14.82 -6.44 -11.33
CA ASP F 2 -14.96 -7.76 -10.77
C ASP F 2 -14.07 -8.70 -11.56
N ILE F 3 -13.08 -9.30 -10.90
CA ILE F 3 -12.18 -10.24 -11.58
C ILE F 3 -12.95 -11.46 -12.11
N ASN F 4 -14.09 -11.78 -11.48
CA ASN F 4 -14.92 -12.89 -11.95
C ASN F 4 -15.52 -12.61 -13.33
N VAL F 5 -15.92 -11.37 -13.55
CA VAL F 5 -16.47 -10.94 -14.83
C VAL F 5 -15.38 -10.96 -15.92
N VAL F 6 -14.18 -10.49 -15.58
CA VAL F 6 -13.03 -10.58 -16.49
C VAL F 6 -12.71 -12.03 -16.88
N ASN F 7 -12.73 -12.90 -15.88
CA ASN F 7 -12.39 -14.31 -16.07
C ASN F 7 -13.38 -15.04 -16.96
N ALA F 8 -14.60 -14.51 -17.04
CA ALA F 8 -15.68 -15.06 -17.84
C ALA F 8 -15.73 -14.54 -19.28
N LEU F 9 -14.88 -13.56 -19.61
CA LEU F 9 -14.87 -12.99 -20.95
C LEU F 9 -14.41 -13.97 -22.04
N ALA F 10 -15.10 -13.92 -23.19
CA ALA F 10 -14.66 -14.61 -24.40
C ALA F 10 -13.36 -13.96 -24.85
N TYR F 11 -12.51 -14.68 -25.56
CA TYR F 11 -11.22 -14.08 -25.93
C TYR F 11 -11.42 -12.81 -26.75
N GLU F 12 -12.45 -12.79 -27.61
CA GLU F 12 -12.70 -11.61 -28.43
C GLU F 12 -12.96 -10.35 -27.60
N ASP F 13 -13.76 -10.49 -26.54
CA ASP F 13 -14.06 -9.37 -25.65
C ASP F 13 -12.88 -9.02 -24.73
N PHE F 14 -12.13 -10.02 -24.31
CA PHE F 14 -10.92 -9.78 -23.53
C PHE F 14 -9.94 -8.90 -24.35
N VAL F 15 -9.74 -9.26 -25.61
CA VAL F 15 -8.81 -8.53 -26.48
C VAL F 15 -9.32 -7.12 -26.77
N LYS F 16 -10.63 -6.97 -26.93
CA LYS F 16 -11.20 -5.64 -27.17
C LYS F 16 -10.95 -4.75 -25.96
N LEU F 17 -11.15 -5.30 -24.77
CA LEU F 17 -11.02 -4.54 -23.52
C LEU F 17 -9.56 -4.23 -23.18
N PHE F 18 -8.69 -5.23 -23.31
CA PHE F 18 -7.31 -5.10 -22.84
C PHE F 18 -6.27 -4.96 -23.96
N GLY F 19 -6.74 -4.90 -25.21
CA GLY F 19 -5.83 -5.00 -26.36
C GLY F 19 -4.81 -3.87 -26.49
N ASN F 20 -5.03 -2.77 -25.78
CA ASN F 20 -4.09 -1.64 -25.85
C ASN F 20 -3.41 -1.28 -24.54
N VAL F 21 -3.39 -2.19 -23.56
CA VAL F 21 -2.66 -1.90 -22.34
C VAL F 21 -1.15 -1.87 -22.60
N VAL F 22 -0.70 -2.55 -23.66
CA VAL F 22 0.66 -2.33 -24.16
C VAL F 22 0.43 -1.76 -25.57
N GLU F 23 0.92 -0.55 -25.79
CA GLU F 23 0.63 0.24 -27.01
C GLU F 23 0.75 -0.57 -28.30
N LYS F 24 -0.36 -0.66 -29.02
CA LYS F 24 -0.43 -1.35 -30.32
C LYS F 24 0.04 -2.81 -30.32
N CYS F 25 -0.09 -3.46 -29.16
CA CYS F 25 0.31 -4.86 -28.97
C CYS F 25 -0.80 -5.73 -28.38
N PRO F 26 -1.92 -5.89 -29.13
CA PRO F 26 -3.03 -6.73 -28.66
C PRO F 26 -2.60 -8.18 -28.43
N LEU F 27 -1.54 -8.61 -29.11
CA LEU F 27 -1.00 -9.95 -28.97
C LEU F 27 -0.77 -10.30 -27.52
N ILE F 28 -0.34 -9.31 -26.77
CA ILE F 28 -0.02 -9.57 -25.38
C ILE F 28 -1.27 -9.95 -24.58
N SER F 29 -2.33 -9.15 -24.69
CA SER F 29 -3.58 -9.45 -24.03
C SER F 29 -4.12 -10.75 -24.59
N ALA F 30 -4.03 -10.93 -25.92
CA ALA F 30 -4.51 -12.17 -26.55
C ALA F 30 -3.85 -13.44 -25.98
N ALA F 31 -2.54 -13.35 -25.72
CA ALA F 31 -1.76 -14.48 -25.21
C ALA F 31 -2.07 -14.77 -23.75
N ILE F 32 -2.15 -13.73 -22.93
CA ILE F 32 -2.35 -13.98 -21.50
C ILE F 32 -3.71 -14.64 -21.18
N TRP F 33 -4.65 -14.52 -22.10
CA TRP F 33 -6.00 -15.09 -21.93
C TRP F 33 -5.88 -16.62 -21.80
N SER F 34 -4.81 -17.18 -22.36
CA SER F 34 -4.53 -18.62 -22.22
C SER F 34 -4.40 -19.07 -20.76
N TYR F 35 -3.93 -18.17 -19.89
CA TYR F 35 -3.63 -18.53 -18.50
C TYR F 35 -4.76 -18.24 -17.51
N ARG F 36 -5.92 -17.80 -18.00
CA ARG F 36 -7.09 -17.55 -17.15
C ARG F 36 -7.51 -18.83 -16.40
N PRO F 37 -8.14 -18.69 -15.21
CA PRO F 37 -8.50 -17.45 -14.55
C PRO F 37 -7.32 -16.73 -13.91
N PHE F 38 -7.49 -15.43 -13.73
CA PHE F 38 -6.54 -14.60 -13.01
C PHE F 38 -7.02 -14.49 -11.58
N LYS F 39 -6.11 -14.55 -10.62
CA LYS F 39 -6.52 -14.48 -9.21
C LYS F 39 -7.01 -13.07 -8.87
N ASP F 40 -6.42 -12.08 -9.55
CA ASP F 40 -6.74 -10.66 -9.33
C ASP F 40 -6.03 -9.79 -10.37
N LEU F 41 -6.17 -8.48 -10.23
CA LEU F 41 -5.49 -7.54 -11.11
C LEU F 41 -3.96 -7.71 -11.09
N ALA F 42 -3.37 -7.89 -9.91
CA ALA F 42 -1.93 -8.15 -9.81
C ALA F 42 -1.51 -9.36 -10.66
N ASP F 43 -2.37 -10.36 -10.73
CA ASP F 43 -2.09 -11.58 -11.48
C ASP F 43 -2.05 -11.29 -12.99
N ILE F 44 -3.00 -10.50 -13.48
CA ILE F 44 -2.97 -10.02 -14.87
C ILE F 44 -1.61 -9.35 -15.17
N GLU F 45 -1.18 -8.45 -14.29
CA GLU F 45 0.09 -7.75 -14.51
C GLU F 45 1.29 -8.68 -14.52
N ALA F 46 1.26 -9.67 -13.62
CA ALA F 46 2.34 -10.66 -13.54
C ALA F 46 2.43 -11.48 -14.83
N ARG F 47 1.28 -11.93 -15.37
CA ARG F 47 1.24 -12.66 -16.64
C ARG F 47 1.79 -11.84 -17.80
N ILE F 48 1.42 -10.56 -17.83
CA ILE F 48 1.90 -9.66 -18.87
C ILE F 48 3.43 -9.57 -18.80
N SER F 49 3.95 -9.38 -17.58
CA SER F 49 5.39 -9.26 -17.36
C SER F 49 6.12 -10.53 -17.78
N GLU F 50 5.56 -11.66 -17.37
CA GLU F 50 6.14 -12.95 -17.70
C GLU F 50 6.15 -13.21 -19.22
N PHE F 51 5.09 -12.81 -19.91
CA PHE F 51 5.05 -12.95 -21.37
C PHE F 51 6.13 -12.10 -22.03
N ILE F 52 6.20 -10.83 -21.64
CA ILE F 52 7.23 -9.94 -22.20
C ILE F 52 8.64 -10.49 -21.96
N HIS F 53 8.89 -10.99 -20.75
CA HIS F 53 10.18 -11.64 -20.44
C HIS F 53 10.51 -12.87 -21.30
N SER F 54 9.49 -13.59 -21.74
CA SER F 54 9.68 -14.78 -22.57
C SER F 54 10.09 -14.47 -24.01
N LEU F 55 9.92 -13.21 -24.43
CA LEU F 55 10.26 -12.79 -25.79
C LEU F 55 11.77 -12.64 -25.99
N PRO F 56 12.23 -12.88 -27.22
CA PRO F 56 13.61 -12.50 -27.52
C PRO F 56 13.79 -11.00 -27.30
N ASP F 57 15.02 -10.59 -27.08
CA ASP F 57 15.34 -9.16 -26.98
C ASP F 57 14.80 -8.41 -28.19
N SER F 58 14.87 -9.01 -29.37
CA SER F 58 14.27 -8.40 -30.56
C SER F 58 12.77 -8.13 -30.39
N GLY F 59 12.08 -9.05 -29.71
CA GLY F 59 10.64 -8.88 -29.43
C GLY F 59 10.39 -7.71 -28.49
N LYS F 60 11.26 -7.56 -27.49
CA LYS F 60 11.22 -6.42 -26.59
C LYS F 60 11.43 -5.11 -27.38
N GLU F 61 12.41 -5.09 -28.27
CA GLU F 61 12.65 -3.91 -29.13
C GLU F 61 11.44 -3.67 -30.04
N GLY F 62 10.85 -4.76 -30.54
CA GLY F 62 9.65 -4.68 -31.35
C GLY F 62 8.52 -3.96 -30.61
N ILE F 63 8.32 -4.32 -29.34
CA ILE F 63 7.31 -3.67 -28.49
C ILE F 63 7.58 -2.15 -28.44
N LEU F 64 8.81 -1.77 -28.16
CA LEU F 64 9.15 -0.34 -28.10
C LEU F 64 8.87 0.35 -29.41
N ARG F 65 9.20 -0.32 -30.51
CA ARG F 65 9.01 0.26 -31.86
C ARG F 65 7.55 0.43 -32.26
N CYS F 66 6.63 -0.15 -31.48
CA CYS F 66 5.19 0.08 -31.65
C CYS F 66 4.68 1.38 -31.00
N HIS F 67 5.53 2.02 -30.19
CA HIS F 67 5.18 3.24 -29.46
C HIS F 67 5.51 4.49 -30.28
N PRO F 68 4.65 5.50 -30.20
CA PRO F 68 4.85 6.81 -30.84
C PRO F 68 5.76 7.70 -30.03
N ASP F 69 6.46 8.62 -30.71
CA ASP F 69 7.30 9.60 -30.02
C ASP F 69 6.45 10.54 -29.18
N LEU F 70 7.00 10.98 -28.07
CA LEU F 70 6.41 12.07 -27.31
C LEU F 70 6.49 13.34 -28.17
N ALA F 71 5.36 14.02 -28.32
CA ALA F 71 5.30 15.29 -29.07
C ALA F 71 5.60 15.18 -30.56
N GLY F 72 5.57 13.96 -31.09
CA GLY F 72 5.96 13.70 -32.47
C GLY F 72 4.84 13.78 -33.48
N ARG F 73 5.08 13.19 -34.64
CA ARG F 73 4.21 13.25 -35.80
C ARG F 73 2.76 12.86 -35.49
N ASP F 74 2.58 11.75 -34.75
CA ASP F 74 1.22 11.26 -34.45
C ASP F 74 0.44 12.19 -33.51
N LEU F 75 1.12 12.78 -32.54
CA LEU F 75 0.52 13.80 -31.68
C LEU F 75 0.09 14.99 -32.53
N GLN F 76 1.03 15.56 -33.28
CA GLN F 76 0.75 16.73 -34.11
C GLN F 76 -0.35 16.46 -35.13
N SER F 77 -0.48 15.22 -35.59
CA SER F 77 -1.50 14.85 -36.58
C SER F 77 -2.80 14.30 -35.99
N GLY F 78 -2.87 14.21 -34.66
CA GLY F 78 -4.05 13.66 -33.99
C GLY F 78 -4.35 12.20 -34.30
N THR F 79 -3.29 11.40 -34.49
CA THR F 79 -3.44 9.98 -34.78
C THR F 79 -2.89 9.09 -33.67
N LEU F 80 -2.83 9.59 -32.45
CA LEU F 80 -2.45 8.74 -31.33
C LEU F 80 -3.65 7.90 -30.89
N THR F 81 -3.36 6.74 -30.32
CA THR F 81 -4.39 5.98 -29.63
C THR F 81 -4.99 6.86 -28.52
N PRO F 82 -6.23 6.56 -28.10
CA PRO F 82 -6.85 7.40 -27.07
C PRO F 82 -6.03 7.47 -25.77
N GLU F 83 -5.44 6.35 -25.35
CA GLU F 83 -4.59 6.34 -24.16
C GLU F 83 -3.35 7.20 -24.32
N SER F 84 -2.62 7.04 -25.42
CA SER F 84 -1.47 7.90 -25.68
C SER F 84 -1.84 9.38 -25.69
N GLN F 85 -2.95 9.72 -26.33
CA GLN F 85 -3.37 11.13 -26.35
C GLN F 85 -3.54 11.69 -24.92
N GLU F 86 -4.26 10.95 -24.07
CA GLU F 86 -4.49 11.36 -22.69
C GLU F 86 -3.18 11.45 -21.91
N GLU F 87 -2.30 10.47 -22.10
CA GLU F 87 -1.03 10.41 -21.38
C GLU F 87 -0.11 11.56 -21.78
N GLN F 88 0.05 11.79 -23.08
CA GLN F 88 0.92 12.87 -23.51
C GLN F 88 0.35 14.25 -23.13
N SER F 89 -0.96 14.37 -23.11
CA SER F 89 -1.58 15.64 -22.72
C SER F 89 -1.30 15.89 -21.23
N GLN F 90 -1.38 14.85 -20.40
CA GLN F 90 -1.11 14.99 -18.97
C GLN F 90 0.33 15.40 -18.70
N ALA F 91 1.25 14.90 -19.51
CA ALA F 91 2.68 15.17 -19.34
C ALA F 91 3.08 16.52 -19.93
N GLY F 92 2.11 17.23 -20.52
CA GLY F 92 2.35 18.56 -21.05
C GLY F 92 2.81 18.63 -22.50
N MET F 93 2.65 17.52 -23.24
CA MET F 93 3.12 17.45 -24.63
C MET F 93 2.26 18.21 -25.64
N THR F 94 1.03 18.56 -25.25
CA THR F 94 0.11 19.17 -26.20
C THR F 94 0.13 20.71 -26.16
N THR F 95 0.84 21.27 -25.18
CA THR F 95 0.91 22.72 -25.00
C THR F 95 2.33 23.25 -25.12
N LEU F 96 3.22 22.48 -25.75
CA LEU F 96 4.57 22.96 -25.98
C LEU F 96 4.58 24.14 -26.94
N ASP F 97 5.49 25.07 -26.74
CA ASP F 97 5.64 26.15 -27.72
C ASP F 97 6.56 25.69 -28.85
N SER F 98 6.86 26.58 -29.80
CA SER F 98 7.61 26.19 -30.98
C SER F 98 9.01 25.66 -30.66
N ALA F 99 9.69 26.32 -29.73
CA ALA F 99 11.05 25.93 -29.36
C ALA F 99 11.04 24.56 -28.69
N GLU F 100 10.03 24.34 -27.84
CA GLU F 100 9.88 23.07 -27.13
C GLU F 100 9.57 21.92 -28.07
N ILE F 101 8.76 22.19 -29.10
CA ILE F 101 8.38 21.15 -30.05
C ILE F 101 9.64 20.72 -30.80
N VAL F 102 10.41 21.69 -31.26
CA VAL F 102 11.68 21.40 -31.91
C VAL F 102 12.68 20.68 -30.96
N HIS F 103 12.73 21.13 -29.71
CA HIS F 103 13.59 20.49 -28.71
C HIS F 103 13.26 18.99 -28.57
N MET F 104 11.98 18.65 -28.39
CA MET F 104 11.56 17.26 -28.29
C MET F 104 11.94 16.50 -29.56
N TYR F 105 11.74 17.12 -30.72
CA TYR F 105 12.14 16.48 -31.97
C TYR F 105 13.64 16.15 -31.95
N ARG F 106 14.46 17.10 -31.53
CA ARG F 106 15.91 16.90 -31.52
C ARG F 106 16.34 15.80 -30.55
N LEU F 107 15.73 15.80 -29.37
CA LEU F 107 16.01 14.80 -28.34
C LEU F 107 15.58 13.41 -28.78
N ASN F 108 14.36 13.30 -29.29
CA ASN F 108 13.90 12.04 -29.85
C ASN F 108 14.80 11.54 -30.97
N SER F 109 15.22 12.46 -31.84
CA SER F 109 16.07 12.10 -32.97
C SER F 109 17.39 11.48 -32.51
N GLU F 110 18.05 12.13 -31.56
CA GLU F 110 19.33 11.64 -31.03
C GLU F 110 19.16 10.27 -30.39
N TYR F 111 18.09 10.15 -29.61
CA TYR F 111 17.81 8.90 -28.88
C TYR F 111 17.56 7.74 -29.84
N LYS F 112 16.66 7.91 -30.80
CA LYS F 112 16.32 6.78 -31.67
C LYS F 112 17.50 6.42 -32.57
N GLU F 113 18.33 7.41 -32.87
CA GLU F 113 19.51 7.11 -33.68
C GLU F 113 20.48 6.22 -32.91
N ARG F 114 20.67 6.51 -31.62
CA ARG F 114 21.55 5.73 -30.77
C ARG F 114 21.04 4.31 -30.52
N PHE F 115 19.75 4.19 -30.22
CA PHE F 115 19.21 2.94 -29.68
C PHE F 115 18.40 2.09 -30.65
N GLY F 116 17.90 2.71 -31.73
CA GLY F 116 17.18 1.98 -32.76
C GLY F 116 15.78 1.56 -32.30
N PHE F 117 15.26 2.30 -31.33
CA PHE F 117 13.85 2.28 -30.92
C PHE F 117 13.45 3.62 -30.29
N PRO F 118 12.13 3.91 -30.21
CA PRO F 118 11.65 5.20 -29.63
C PRO F 118 11.92 5.33 -28.14
N PHE F 119 12.09 6.57 -27.69
CA PHE F 119 12.13 6.85 -26.28
C PHE F 119 10.74 6.65 -25.68
N VAL F 120 10.67 5.69 -24.77
CA VAL F 120 9.43 5.33 -24.06
C VAL F 120 9.56 5.62 -22.56
N ILE F 121 8.57 6.34 -22.05
CA ILE F 121 8.52 6.63 -20.62
C ILE F 121 7.07 6.62 -20.16
N CYS F 122 6.85 6.41 -18.88
CA CYS F 122 5.50 6.47 -18.36
C CYS F 122 5.13 7.95 -18.22
N ALA F 123 4.47 8.50 -19.24
CA ALA F 123 4.17 9.93 -19.30
C ALA F 123 3.30 10.37 -18.11
N ARG F 124 2.43 9.50 -17.62
CA ARG F 124 1.59 9.87 -16.46
C ARG F 124 2.36 10.07 -15.15
N LEU F 125 3.63 9.68 -15.12
CA LEU F 125 4.43 9.87 -13.91
C LEU F 125 5.46 10.97 -14.06
N ASN F 126 5.43 11.67 -15.19
CA ASN F 126 6.47 12.65 -15.50
C ASN F 126 5.85 13.92 -16.09
N ASN F 127 6.44 15.06 -15.76
CA ASN F 127 6.09 16.33 -16.42
C ASN F 127 7.11 16.59 -17.51
N LYS F 128 6.94 17.67 -18.27
CA LYS F 128 7.85 17.88 -19.40
C LYS F 128 9.32 18.06 -19.00
N ALA F 129 9.57 18.71 -17.86
CA ALA F 129 10.95 18.84 -17.39
C ALA F 129 11.56 17.46 -17.05
N ASP F 130 10.77 16.62 -16.38
CA ASP F 130 11.20 15.26 -16.06
C ASP F 130 11.56 14.51 -17.34
N ILE F 131 10.73 14.72 -18.36
CA ILE F 131 10.91 14.06 -19.66
C ILE F 131 12.23 14.49 -20.33
N VAL F 132 12.51 15.79 -20.32
CA VAL F 132 13.77 16.26 -20.88
C VAL F 132 14.96 15.66 -20.13
N ARG F 133 14.89 15.68 -18.80
CA ARG F 133 15.95 15.14 -17.96
C ARG F 133 16.19 13.66 -18.27
N GLN F 134 15.11 12.92 -18.43
CA GLN F 134 15.20 11.46 -18.62
C GLN F 134 15.75 11.10 -20.01
N LEU F 135 15.31 11.85 -21.00
CA LEU F 135 15.79 11.70 -22.36
C LEU F 135 17.29 11.92 -22.42
N SER F 136 17.76 12.92 -21.69
CA SER F 136 19.19 13.23 -21.68
C SER F 136 19.99 12.21 -20.88
N GLU F 137 19.46 11.81 -19.73
CA GLU F 137 20.12 10.83 -18.86
C GLU F 137 20.16 9.45 -19.52
N ARG F 138 19.03 8.99 -20.05
CA ARG F 138 18.99 7.66 -20.65
C ARG F 138 19.81 7.52 -21.93
N LEU F 139 20.01 8.64 -22.62
CA LEU F 139 20.94 8.67 -23.75
C LEU F 139 22.32 8.16 -23.36
N LYS F 140 22.71 8.34 -22.10
CA LYS F 140 24.04 7.89 -21.60
C LYS F 140 24.15 6.38 -21.42
N ASN F 141 23.01 5.70 -21.36
CA ASN F 141 22.99 4.26 -21.10
C ASN F 141 23.57 3.40 -22.22
N ARG F 142 24.20 2.29 -21.85
CA ARG F 142 24.49 1.23 -22.83
C ARG F 142 23.15 0.69 -23.36
N ARG F 143 23.15 0.25 -24.61
CA ARG F 143 21.96 -0.28 -25.28
C ARG F 143 21.31 -1.44 -24.51
N THR F 144 22.14 -2.33 -23.97
CA THR F 144 21.62 -3.46 -23.18
C THR F 144 20.87 -3.00 -21.92
N ALA F 145 21.46 -2.07 -21.20
CA ALA F 145 20.83 -1.46 -20.03
C ALA F 145 19.58 -0.67 -20.40
N GLU F 146 19.64 0.03 -21.54
CA GLU F 146 18.52 0.88 -21.95
C GLU F 146 17.30 0.06 -22.30
N LEU F 147 17.50 -1.08 -22.95
CA LEU F 147 16.39 -1.95 -23.32
C LEU F 147 15.62 -2.41 -22.06
N GLU F 148 16.37 -2.73 -21.01
CA GLU F 148 15.74 -3.08 -19.74
C GLU F 148 14.98 -1.91 -19.11
N CYS F 149 15.59 -0.74 -19.10
CA CYS F 149 14.97 0.48 -18.56
C CYS F 149 13.65 0.78 -19.28
N ALA F 150 13.71 0.75 -20.61
CA ALA F 150 12.55 1.05 -21.44
C ALA F 150 11.40 0.05 -21.20
N ILE F 151 11.73 -1.24 -21.14
CA ILE F 151 10.71 -2.28 -20.89
C ILE F 151 10.06 -2.09 -19.50
N GLU F 152 10.84 -1.67 -18.51
CA GLU F 152 10.23 -1.32 -17.22
C GLU F 152 9.22 -0.18 -17.38
N GLU F 153 9.50 0.80 -18.25
CA GLU F 153 8.54 1.89 -18.44
C GLU F 153 7.27 1.34 -19.11
N VAL F 154 7.45 0.42 -20.04
CA VAL F 154 6.29 -0.17 -20.71
C VAL F 154 5.37 -0.83 -19.66
N LYS F 155 5.97 -1.60 -18.76
CA LYS F 155 5.20 -2.24 -17.70
C LYS F 155 4.49 -1.23 -16.76
N LYS F 156 5.12 -0.08 -16.52
CA LYS F 156 4.45 1.02 -15.79
C LYS F 156 3.27 1.59 -16.56
N ILE F 157 3.45 1.86 -17.85
CA ILE F 157 2.38 2.38 -18.69
C ILE F 157 1.20 1.42 -18.63
N CYS F 158 1.53 0.14 -18.75
CA CYS F 158 0.53 -0.92 -18.76
C CYS F 158 -0.24 -0.95 -17.43
N SER F 159 0.51 -0.88 -16.32
CA SER F 159 -0.13 -0.84 -14.99
C SER F 159 -1.15 0.29 -14.88
N LEU F 160 -0.77 1.49 -15.32
CA LEU F 160 -1.71 2.62 -15.27
C LEU F 160 -2.87 2.51 -16.28
N ARG F 161 -2.61 1.94 -17.46
CA ARG F 161 -3.73 1.69 -18.37
C ARG F 161 -4.72 0.67 -17.77
N LEU F 162 -4.20 -0.36 -17.11
CA LEU F 162 -5.04 -1.33 -16.41
C LEU F 162 -5.86 -0.64 -15.30
N HIS F 163 -5.20 0.23 -14.53
CA HIS F 163 -5.87 1.00 -13.47
C HIS F 163 -7.03 1.84 -14.04
N SER F 164 -6.78 2.48 -15.16
CA SER F 164 -7.80 3.30 -15.80
C SER F 164 -8.99 2.47 -16.30
N ILE F 165 -8.71 1.25 -16.76
CA ILE F 165 -9.81 0.34 -17.12
C ILE F 165 -10.65 0.02 -15.87
N VAL F 166 -9.97 -0.23 -14.75
CA VAL F 166 -10.63 -0.49 -13.47
C VAL F 166 -11.57 0.65 -13.10
N LEU F 167 -11.11 1.89 -13.30
CA LEU F 167 -11.90 3.09 -12.98
C LEU F 167 -12.85 3.61 -14.06
N SER F 168 -12.88 2.98 -15.22
CA SER F 168 -13.61 3.57 -16.34
C SER F 168 -15.13 3.54 -16.11
#